data_8TOU
#
_entry.id   8TOU
#
_cell.length_a   89.802
_cell.length_b   196.263
_cell.length_c   52.507
_cell.angle_alpha   90.000
_cell.angle_beta   90.000
_cell.angle_gamma   90.000
#
_symmetry.space_group_name_H-M   'P 21 21 2'
#
loop_
_entity.id
_entity.type
_entity.pdbx_description
1 polymer 'Angiotensin-converting enzyme 2'
2 polymer 'Cyclic peptide 2'
3 branched 2-acetamido-2-deoxy-beta-D-glucopyranose-(1-4)-2-acetamido-2-deoxy-beta-D-glucopyranose
4 non-polymer 2-acetamido-2-deoxy-beta-D-glucopyranose
5 non-polymer 'ZINC ION'
6 non-polymer 'CHLORIDE ION'
#
loop_
_entity_poly.entity_id
_entity_poly.type
_entity_poly.pdbx_seq_one_letter_code
_entity_poly.pdbx_strand_id
1 'polypeptide(L)'
;QSTIEEQAKTFLDKFNHEAEDLFYQSSLASWNYNTNITEENVQNMNNAGDKWSAFLKEQSTLAQMYPLQEIQNLTVKLQL
QALQQNGSSVLSEDKSKRLNTILNTMSTIYSTGKVCNPDNPQECLLLEPGLNEIMANSLDYNERLWAWESWRSEVGKQLR
PLYEEYVVLKNEMARANHYEDYGDYWRGDYEVNGVDGYDYSRGQLIEDVEHTFEEIKPLYEHLHAYVRAKLMNAYPSYIS
PIGCLPAHLLGDMWGRFWTNLYSLTVPFGQKPNIDVTDAMVDQAWDAQRIFKEAEKFFVSVGLPNMTQGFWENSMLTDPG
NVQKAVCHPTAWDLGKGDFRILMCTKVTMDDFLTAHHEMGHIQYDMAYAAQPFLLRNGANEGFHEAVGEIMSLSAATPKH
LKSIGLLSPDFQEDNETEINFLLKQALTIVGTLPFTYMLEKWRWMVFKGEIPKDQWMKKWWEMKREIVGVVEPVPHDETY
CDPASLFHVSNDYSFIRYYTRTLYQFQFQEALCQAAKHEGPLHKCDISNSTEAGQKLFNMLRLGKSEPWTLALENVVGAK
NMNVRPLLNYFEPLFTWLKDQNKNSFVGWSTDWSPYAGSHHHHHHHHHHSGLNDIFEAQKIEWHE
;
A
2 'polypeptide(L)' (ACE)YFQRSVRLPYLRC(NH2) B
#
loop_
_chem_comp.id
_chem_comp.type
_chem_comp.name
_chem_comp.formula
ACE non-polymer 'ACETYL GROUP' 'C2 H4 O'
CL non-polymer 'CHLORIDE ION' 'Cl -1'
NAG D-saccharide, beta linking 2-acetamido-2-deoxy-beta-D-glucopyranose 'C8 H15 N O6'
NH2 non-polymer 'AMINO GROUP' 'H2 N'
ZN non-polymer 'ZINC ION' 'Zn 2'
#
# COMPACT_ATOMS: atom_id res chain seq x y z
N GLN A 1 -13.80 38.90 29.28
CA GLN A 1 -13.03 38.19 30.30
C GLN A 1 -11.89 37.39 29.72
N SER A 2 -12.25 36.41 28.91
CA SER A 2 -11.30 35.60 28.18
C SER A 2 -11.59 35.74 26.69
N THR A 3 -10.54 36.02 25.93
CA THR A 3 -10.64 36.14 24.49
C THR A 3 -10.80 34.76 23.84
N ILE A 4 -11.20 34.74 22.56
CA ILE A 4 -11.38 33.46 21.88
C ILE A 4 -10.09 32.64 21.89
N GLU A 5 -8.93 33.29 21.75
CA GLU A 5 -7.71 32.50 21.71
C GLU A 5 -7.39 31.87 23.06
N GLU A 6 -7.64 32.59 24.16
CA GLU A 6 -7.44 32.00 25.48
C GLU A 6 -8.47 30.92 25.77
N GLN A 7 -9.73 31.17 25.42
CA GLN A 7 -10.77 30.14 25.48
C GLN A 7 -10.34 28.90 24.72
N ALA A 8 -9.72 29.10 23.55
CA ALA A 8 -9.36 27.99 22.68
C ALA A 8 -8.18 27.22 23.23
N LYS A 9 -7.20 27.92 23.81
CA LYS A 9 -6.13 27.24 24.54
C LYS A 9 -6.72 26.31 25.60
N THR A 10 -7.66 26.84 26.39
CA THR A 10 -8.28 26.05 27.45
C THR A 10 -9.01 24.84 26.88
N PHE A 11 -9.81 25.08 25.84
CA PHE A 11 -10.57 24.01 25.19
C PHE A 11 -9.66 22.92 24.66
N LEU A 12 -8.59 23.30 23.96
CA LEU A 12 -7.68 22.33 23.38
C LEU A 12 -6.97 21.51 24.45
N ASP A 13 -6.62 22.13 25.58
CA ASP A 13 -5.97 21.34 26.62
C ASP A 13 -6.93 20.34 27.27
N LYS A 14 -8.17 20.77 27.52
CA LYS A 14 -9.21 19.82 27.97
C LYS A 14 -9.34 18.67 26.99
N PHE A 15 -9.48 19.02 25.71
CA PHE A 15 -9.62 18.03 24.64
C PHE A 15 -8.44 17.07 24.60
N ASN A 16 -7.23 17.59 24.75
CA ASN A 16 -6.04 16.76 24.63
C ASN A 16 -5.93 15.77 25.79
N HIS A 17 -6.17 16.23 27.02
CA HIS A 17 -6.07 15.30 28.15
C HIS A 17 -7.11 14.20 28.03
N GLU A 18 -8.38 14.56 27.78
CA GLU A 18 -9.41 13.54 27.64
C GLU A 18 -9.15 12.64 26.45
N ALA A 19 -8.73 13.22 25.33
CA ALA A 19 -8.51 12.44 24.11
C ALA A 19 -7.37 11.46 24.28
N GLU A 20 -6.29 11.87 24.95
CA GLU A 20 -5.21 10.94 25.23
C GLU A 20 -5.68 9.77 26.08
N ASP A 21 -6.38 10.07 27.19
CA ASP A 21 -6.87 8.99 28.04
C ASP A 21 -7.76 8.03 27.26
N LEU A 22 -8.76 8.58 26.56
CA LEU A 22 -9.74 7.76 25.84
C LEU A 22 -9.09 7.00 24.69
N PHE A 23 -8.21 7.65 23.94
CA PHE A 23 -7.53 7.00 22.82
C PHE A 23 -6.67 5.85 23.28
N TYR A 24 -5.95 6.01 24.39
CA TYR A 24 -5.18 4.89 24.93
C TYR A 24 -6.11 3.73 25.29
N GLN A 25 -7.23 4.03 25.96
CA GLN A 25 -8.15 2.96 26.34
C GLN A 25 -8.69 2.22 25.11
N SER A 26 -9.15 2.98 24.12
CA SER A 26 -9.72 2.40 22.90
C SER A 26 -8.68 1.59 22.14
N SER A 27 -7.44 2.09 22.08
CA SER A 27 -6.38 1.36 21.40
C SER A 27 -6.06 0.05 22.11
N LEU A 28 -6.15 0.04 23.44
CA LEU A 28 -6.00 -1.23 24.15
C LEU A 28 -7.09 -2.22 23.74
N ALA A 29 -8.33 -1.74 23.61
CA ALA A 29 -9.40 -2.63 23.14
C ALA A 29 -9.11 -3.16 21.73
N SER A 30 -8.63 -2.29 20.85
CA SER A 30 -8.28 -2.71 19.48
C SER A 30 -7.18 -3.75 19.49
N TRP A 31 -6.15 -3.53 20.32
CA TRP A 31 -5.08 -4.51 20.46
C TRP A 31 -5.65 -5.86 20.89
N ASN A 32 -6.56 -5.85 21.87
CA ASN A 32 -7.16 -7.10 22.31
C ASN A 32 -7.84 -7.83 21.16
N TYR A 33 -8.67 -7.13 20.38
CA TYR A 33 -9.34 -7.81 19.27
C TYR A 33 -8.33 -8.34 18.25
N ASN A 34 -7.30 -7.56 17.94
CA ASN A 34 -6.38 -7.97 16.87
C ASN A 34 -5.47 -9.12 17.31
N THR A 35 -5.14 -9.22 18.59
CA THR A 35 -4.39 -10.38 19.07
C THR A 35 -5.31 -11.55 19.41
N ASN A 36 -6.40 -11.27 20.14
CA ASN A 36 -7.39 -12.27 20.54
C ASN A 36 -8.70 -11.95 19.84
N ILE A 37 -9.11 -12.80 18.91
CA ILE A 37 -10.37 -12.60 18.18
C ILE A 37 -11.44 -13.41 18.92
N THR A 38 -12.24 -12.73 19.72
CA THR A 38 -13.36 -13.32 20.46
C THR A 38 -14.50 -12.32 20.43
N GLU A 39 -15.74 -12.81 20.56
CA GLU A 39 -16.86 -11.87 20.68
C GLU A 39 -16.73 -10.95 21.88
N GLU A 40 -16.27 -11.45 23.02
CA GLU A 40 -16.07 -10.55 24.15
C GLU A 40 -15.19 -9.37 23.73
N ASN A 41 -14.15 -9.65 22.95
CA ASN A 41 -13.25 -8.62 22.46
C ASN A 41 -13.88 -7.77 21.35
N VAL A 42 -14.69 -8.36 20.46
CA VAL A 42 -15.40 -7.54 19.47
C VAL A 42 -16.35 -6.57 20.16
N GLN A 43 -17.08 -7.07 21.16
CA GLN A 43 -18.01 -6.23 21.91
C GLN A 43 -17.28 -5.06 22.56
N ASN A 44 -16.16 -5.34 23.25
CA ASN A 44 -15.42 -4.25 23.87
C ASN A 44 -14.89 -3.26 22.83
N MET A 45 -14.36 -3.77 21.71
CA MET A 45 -13.83 -2.89 20.69
C MET A 45 -14.92 -2.00 20.09
N ASN A 46 -16.10 -2.57 19.82
CA ASN A 46 -17.20 -1.80 19.27
C ASN A 46 -17.70 -0.75 20.26
N ASN A 47 -17.79 -1.13 21.54
CA ASN A 47 -18.19 -0.18 22.57
C ASN A 47 -17.23 1.00 22.61
N ALA A 48 -15.93 0.71 22.54
CA ALA A 48 -14.93 1.79 22.54
C ALA A 48 -14.99 2.62 21.26
N GLY A 49 -15.27 1.98 20.13
CA GLY A 49 -15.49 2.73 18.90
C GLY A 49 -16.62 3.72 19.03
N ASP A 50 -17.72 3.31 19.68
CA ASP A 50 -18.81 4.23 19.96
C ASP A 50 -18.35 5.39 20.85
N LYS A 51 -17.74 5.05 22.00
CA LYS A 51 -17.27 6.10 22.91
C LYS A 51 -16.40 7.11 22.18
N TRP A 52 -15.48 6.62 21.35
CA TRP A 52 -14.46 7.44 20.72
C TRP A 52 -15.01 8.30 19.60
N SER A 53 -15.74 7.69 18.65
CA SER A 53 -16.31 8.46 17.55
C SER A 53 -17.32 9.47 18.07
N ALA A 54 -18.10 9.11 19.09
CA ALA A 54 -19.03 10.07 19.69
C ALA A 54 -18.28 11.21 20.37
N PHE A 55 -17.20 10.89 21.09
CA PHE A 55 -16.35 11.92 21.68
C PHE A 55 -15.87 12.90 20.63
N LEU A 56 -15.36 12.39 19.51
CA LEU A 56 -14.88 13.30 18.47
C LEU A 56 -16.01 14.08 17.83
N LYS A 57 -17.22 13.52 17.73
CA LYS A 57 -18.36 14.32 17.31
C LYS A 57 -18.55 15.51 18.23
N GLU A 58 -18.60 15.25 19.55
CA GLU A 58 -18.84 16.32 20.51
C GLU A 58 -17.76 17.39 20.43
N GLN A 59 -16.50 16.95 20.35
CA GLN A 59 -15.39 17.89 20.35
C GLN A 59 -15.33 18.68 19.05
N SER A 60 -15.70 18.04 17.93
CA SER A 60 -15.80 18.76 16.67
C SER A 60 -16.89 19.81 16.72
N THR A 61 -18.02 19.47 17.32
CA THR A 61 -19.10 20.44 17.51
C THR A 61 -18.65 21.59 18.39
N LEU A 62 -17.93 21.28 19.47
CA LEU A 62 -17.45 22.29 20.40
C LEU A 62 -16.40 23.18 19.77
N ALA A 63 -15.58 22.64 18.86
CA ALA A 63 -14.51 23.39 18.23
C ALA A 63 -15.02 24.46 17.27
N GLN A 64 -16.28 24.38 16.85
CA GLN A 64 -16.81 25.39 15.94
C GLN A 64 -17.07 26.72 16.64
N MET A 65 -17.11 26.72 17.98
CA MET A 65 -17.32 27.97 18.71
C MET A 65 -16.23 28.98 18.43
N TYR A 66 -15.00 28.52 18.20
CA TYR A 66 -13.85 29.40 18.08
C TYR A 66 -13.53 29.66 16.61
N PRO A 67 -13.79 30.86 16.10
CA PRO A 67 -13.48 31.15 14.69
C PRO A 67 -11.97 31.10 14.43
N LEU A 68 -11.61 30.62 13.25
CA LEU A 68 -10.21 30.52 12.88
C LEU A 68 -9.59 31.87 12.54
N GLN A 69 -10.39 32.84 12.12
CA GLN A 69 -9.88 34.17 11.78
C GLN A 69 -9.72 35.06 13.00
N GLU A 70 -9.91 34.49 14.20
CA GLU A 70 -9.72 35.19 15.46
C GLU A 70 -8.61 34.53 16.27
N ILE A 71 -7.70 33.82 15.61
CA ILE A 71 -6.70 32.98 16.25
C ILE A 71 -5.32 33.35 15.72
N GLN A 72 -4.47 33.87 16.60
CA GLN A 72 -3.11 34.25 16.21
C GLN A 72 -2.18 33.04 16.26
N ASN A 73 -2.13 32.37 17.40
CA ASN A 73 -1.27 31.20 17.62
C ASN A 73 -1.56 30.13 16.58
N LEU A 74 -0.54 29.76 15.80
CA LEU A 74 -0.74 28.82 14.69
C LEU A 74 -0.95 27.40 15.20
N THR A 75 -0.20 27.00 16.24
CA THR A 75 -0.38 25.67 16.82
C THR A 75 -1.82 25.48 17.30
N VAL A 76 -2.46 26.56 17.76
CA VAL A 76 -3.86 26.50 18.14
C VAL A 76 -4.75 26.40 16.90
N LYS A 77 -4.45 27.22 15.88
CA LYS A 77 -5.31 27.29 14.70
C LYS A 77 -5.35 25.96 13.97
N LEU A 78 -4.20 25.27 13.87
CA LEU A 78 -4.16 23.98 13.18
C LEU A 78 -5.01 22.93 13.90
N GLN A 79 -4.85 22.84 15.22
CA GLN A 79 -5.63 21.89 16.02
C GLN A 79 -7.11 22.15 15.83
N LEU A 80 -7.52 23.42 15.94
CA LEU A 80 -8.93 23.77 15.79
C LEU A 80 -9.42 23.43 14.39
N GLN A 81 -8.60 23.69 13.38
CA GLN A 81 -8.94 23.39 11.99
C GLN A 81 -9.20 21.90 11.80
N ALA A 82 -8.31 21.07 12.35
CA ALA A 82 -8.52 19.63 12.30
C ALA A 82 -9.81 19.24 13.00
N LEU A 83 -10.05 19.82 14.19
CA LEU A 83 -11.23 19.50 14.97
C LEU A 83 -12.52 19.94 14.30
N GLN A 84 -12.46 20.95 13.43
CA GLN A 84 -13.66 21.51 12.82
C GLN A 84 -14.12 20.71 11.60
N GLN A 85 -13.41 19.64 11.26
CA GLN A 85 -13.84 18.75 10.19
C GLN A 85 -15.01 17.89 10.67
N ASN A 86 -16.07 17.82 9.89
CA ASN A 86 -17.28 17.14 10.34
C ASN A 86 -17.14 15.63 10.23
N GLY A 87 -16.43 15.15 9.20
CA GLY A 87 -16.26 13.73 9.02
C GLY A 87 -17.53 13.04 8.52
N SER A 88 -17.64 11.75 8.83
CA SER A 88 -18.80 10.96 8.46
C SER A 88 -19.95 11.08 9.45
N SER A 89 -19.77 11.87 10.51
CA SER A 89 -20.80 12.06 11.51
C SER A 89 -21.99 12.87 11.01
N VAL A 90 -21.87 13.50 9.84
CA VAL A 90 -22.91 14.40 9.34
C VAL A 90 -24.22 13.66 9.06
N LEU A 91 -24.16 12.36 8.83
CA LEU A 91 -25.36 11.62 8.46
C LEU A 91 -26.31 11.46 9.64
N SER A 92 -27.54 11.09 9.32
CA SER A 92 -28.56 10.86 10.34
C SER A 92 -28.19 9.62 11.17
N GLU A 93 -28.76 9.55 12.38
CA GLU A 93 -28.50 8.42 13.25
C GLU A 93 -28.95 7.09 12.64
N ASP A 94 -29.87 7.14 11.69
CA ASP A 94 -30.32 5.94 11.00
C ASP A 94 -29.32 5.52 9.92
N LYS A 95 -28.99 6.45 9.03
CA LYS A 95 -28.10 6.14 7.92
C LYS A 95 -26.68 5.84 8.41
N SER A 96 -26.24 6.51 9.48
CA SER A 96 -24.93 6.19 10.06
C SER A 96 -24.88 4.75 10.53
N LYS A 97 -25.93 4.29 11.21
CA LYS A 97 -26.00 2.90 11.63
C LYS A 97 -25.96 1.97 10.42
N ARG A 98 -26.71 2.31 9.37
CA ARG A 98 -26.74 1.46 8.18
C ARG A 98 -25.36 1.35 7.53
N LEU A 99 -24.67 2.48 7.37
CA LEU A 99 -23.34 2.47 6.75
C LEU A 99 -22.33 1.72 7.61
N ASN A 100 -22.39 1.90 8.94
CA ASN A 100 -21.51 1.17 9.82
C ASN A 100 -21.74 -0.34 9.71
N THR A 101 -23.02 -0.74 9.66
CA THR A 101 -23.35 -2.16 9.52
C THR A 101 -22.85 -2.69 8.18
N ILE A 102 -22.95 -1.89 7.11
CA ILE A 102 -22.44 -2.32 5.82
C ILE A 102 -20.94 -2.53 5.87
N LEU A 103 -20.22 -1.59 6.48
CA LEU A 103 -18.77 -1.71 6.57
C LEU A 103 -18.39 -2.97 7.34
N ASN A 104 -19.06 -3.22 8.46
CA ASN A 104 -18.80 -4.41 9.24
C ASN A 104 -19.14 -5.69 8.48
N THR A 105 -20.27 -5.67 7.76
CA THR A 105 -20.70 -6.85 7.02
C THR A 105 -19.72 -7.19 5.92
N MET A 106 -19.23 -6.18 5.19
CA MET A 106 -18.23 -6.41 4.16
C MET A 106 -16.92 -6.92 4.75
N SER A 107 -16.47 -6.32 5.86
CA SER A 107 -15.21 -6.76 6.46
C SER A 107 -15.31 -8.19 6.95
N THR A 108 -16.44 -8.56 7.56
CA THR A 108 -16.64 -9.94 8.00
C THR A 108 -16.73 -10.89 6.81
N ILE A 109 -17.42 -10.50 5.74
CA ILE A 109 -17.49 -11.36 4.56
C ILE A 109 -16.09 -11.62 4.02
N TYR A 110 -15.24 -10.60 4.02
CA TYR A 110 -13.87 -10.78 3.55
C TYR A 110 -13.08 -11.72 4.47
N SER A 111 -13.11 -11.46 5.78
CA SER A 111 -12.21 -12.18 6.68
C SER A 111 -12.70 -13.61 6.95
N THR A 112 -14.01 -13.83 7.00
CA THR A 112 -14.55 -15.16 7.25
C THR A 112 -14.70 -15.99 5.99
N GLY A 113 -14.72 -15.35 4.81
CA GLY A 113 -15.02 -16.03 3.56
C GLY A 113 -14.08 -17.15 3.19
N LYS A 114 -14.64 -18.32 2.88
CA LYS A 114 -13.86 -19.51 2.57
C LYS A 114 -14.45 -20.24 1.38
N VAL A 115 -13.56 -20.78 0.54
CA VAL A 115 -13.94 -21.56 -0.62
C VAL A 115 -13.50 -23.00 -0.39
N CYS A 116 -14.35 -23.95 -0.75
CA CYS A 116 -14.08 -25.35 -0.45
C CYS A 116 -13.79 -26.11 -1.74
N ASN A 117 -13.04 -27.20 -1.59
CA ASN A 117 -12.75 -28.08 -2.70
C ASN A 117 -14.07 -28.60 -3.27
N PRO A 118 -14.33 -28.43 -4.57
CA PRO A 118 -15.60 -28.93 -5.11
C PRO A 118 -15.81 -30.42 -4.87
N ASP A 119 -14.74 -31.22 -4.92
CA ASP A 119 -14.87 -32.65 -4.64
C ASP A 119 -14.89 -32.96 -3.14
N ASN A 120 -14.49 -32.02 -2.29
CA ASN A 120 -14.47 -32.25 -0.84
C ASN A 120 -15.08 -31.05 -0.14
N PRO A 121 -16.40 -31.03 0.03
CA PRO A 121 -17.05 -29.89 0.70
C PRO A 121 -16.64 -29.69 2.15
N GLN A 122 -16.31 -30.75 2.88
CA GLN A 122 -16.04 -30.60 4.31
C GLN A 122 -14.71 -29.90 4.57
N GLU A 123 -13.77 -29.98 3.65
CA GLU A 123 -12.47 -29.31 3.77
C GLU A 123 -12.52 -28.03 2.95
N CYS A 124 -12.37 -26.89 3.63
CA CYS A 124 -12.42 -25.59 2.99
C CYS A 124 -11.11 -24.84 3.23
N LEU A 125 -10.95 -23.74 2.51
CA LEU A 125 -9.75 -22.90 2.58
C LEU A 125 -10.16 -21.44 2.68
N LEU A 126 -9.56 -20.73 3.63
CA LEU A 126 -9.73 -19.30 3.80
C LEU A 126 -8.71 -18.55 2.94
N LEU A 127 -8.97 -17.26 2.74
CA LEU A 127 -7.99 -16.43 2.04
C LEU A 127 -6.68 -16.39 2.79
N GLU A 128 -6.72 -16.20 4.10
CA GLU A 128 -5.53 -16.18 4.93
C GLU A 128 -5.52 -17.40 5.83
N PRO A 129 -4.53 -18.29 5.70
CA PRO A 129 -3.44 -18.26 4.72
C PRO A 129 -3.63 -19.25 3.58
N GLY A 130 -4.77 -19.95 3.54
CA GLY A 130 -4.89 -21.08 2.63
C GLY A 130 -4.84 -20.69 1.16
N LEU A 131 -5.63 -19.70 0.77
CA LEU A 131 -5.71 -19.31 -0.63
C LEU A 131 -4.47 -18.52 -1.05
N ASN A 132 -3.93 -17.70 -0.14
CA ASN A 132 -2.69 -16.99 -0.41
C ASN A 132 -1.54 -17.95 -0.63
N GLU A 133 -1.51 -19.06 0.12
CA GLU A 133 -0.49 -20.08 -0.07
C GLU A 133 -0.44 -20.52 -1.53
N ILE A 134 -1.62 -20.73 -2.14
CA ILE A 134 -1.68 -21.14 -3.53
C ILE A 134 -1.25 -20.00 -4.45
N MET A 135 -1.87 -18.83 -4.30
CA MET A 135 -1.56 -17.73 -5.22
C MET A 135 -0.11 -17.29 -5.14
N ALA A 136 0.58 -17.60 -4.04
CA ALA A 136 2.01 -17.31 -3.92
C ALA A 136 2.88 -18.44 -4.47
N ASN A 137 2.57 -19.69 -4.12
CA ASN A 137 3.51 -20.79 -4.36
C ASN A 137 3.14 -21.68 -5.52
N SER A 138 1.86 -21.78 -5.88
CA SER A 138 1.46 -22.72 -6.92
C SER A 138 2.09 -22.36 -8.25
N LEU A 139 2.29 -23.40 -9.07
CA LEU A 139 2.73 -23.23 -10.45
C LEU A 139 1.72 -23.82 -11.42
N ASP A 140 0.57 -24.27 -10.92
CA ASP A 140 -0.46 -24.91 -11.72
C ASP A 140 -1.43 -23.85 -12.21
N TYR A 141 -1.55 -23.71 -13.54
CA TYR A 141 -2.50 -22.77 -14.11
C TYR A 141 -3.92 -23.06 -13.63
N ASN A 142 -4.28 -24.34 -13.53
CA ASN A 142 -5.63 -24.72 -13.12
C ASN A 142 -5.88 -24.53 -11.62
N GLU A 143 -4.92 -24.91 -10.77
CA GLU A 143 -5.11 -24.69 -9.33
C GLU A 143 -5.18 -23.20 -9.00
N ARG A 144 -4.28 -22.42 -9.59
CA ARG A 144 -4.27 -20.98 -9.39
C ARG A 144 -5.56 -20.34 -9.92
N LEU A 145 -5.98 -20.76 -11.12
CA LEU A 145 -7.22 -20.24 -11.70
C LEU A 145 -8.42 -20.62 -10.84
N TRP A 146 -8.44 -21.84 -10.30
CA TRP A 146 -9.52 -22.21 -9.39
C TRP A 146 -9.58 -21.26 -8.23
N ALA A 147 -8.45 -21.07 -7.53
CA ALA A 147 -8.45 -20.21 -6.35
C ALA A 147 -8.90 -18.79 -6.69
N TRP A 148 -8.34 -18.23 -7.76
CA TRP A 148 -8.67 -16.86 -8.17
C TRP A 148 -10.16 -16.70 -8.47
N GLU A 149 -10.69 -17.56 -9.37
CA GLU A 149 -12.10 -17.49 -9.75
C GLU A 149 -13.00 -17.81 -8.57
N SER A 150 -12.61 -18.79 -7.75
CA SER A 150 -13.39 -19.20 -6.59
C SER A 150 -13.56 -18.04 -5.64
N TRP A 151 -12.45 -17.39 -5.29
CA TRP A 151 -12.52 -16.24 -4.39
C TRP A 151 -13.40 -15.13 -4.98
N ARG A 152 -13.29 -14.90 -6.30
CA ARG A 152 -14.06 -13.79 -6.87
C ARG A 152 -15.54 -14.11 -7.09
N SER A 153 -15.93 -15.39 -7.12
CA SER A 153 -17.34 -15.73 -7.31
C SER A 153 -18.04 -16.16 -6.02
N GLU A 154 -17.29 -16.56 -5.00
CA GLU A 154 -17.84 -17.00 -3.73
C GLU A 154 -17.99 -15.84 -2.76
N VAL A 155 -16.96 -14.99 -2.65
CA VAL A 155 -16.94 -13.90 -1.69
C VAL A 155 -17.15 -12.56 -2.38
N GLY A 156 -16.69 -12.46 -3.63
CA GLY A 156 -16.89 -11.22 -4.37
C GLY A 156 -18.35 -10.94 -4.67
N LYS A 157 -19.06 -11.99 -5.11
CA LYS A 157 -20.48 -11.82 -5.44
C LYS A 157 -21.29 -11.48 -4.20
N GLN A 158 -20.90 -12.01 -3.04
CA GLN A 158 -21.52 -11.61 -1.79
C GLN A 158 -21.35 -10.11 -1.53
N LEU A 159 -20.24 -9.54 -2.01
CA LEU A 159 -19.89 -8.17 -1.69
C LEU A 159 -20.52 -7.15 -2.64
N ARG A 160 -20.82 -7.55 -3.88
CA ARG A 160 -21.40 -6.62 -4.86
C ARG A 160 -22.55 -5.75 -4.32
N PRO A 161 -23.66 -6.33 -3.81
CA PRO A 161 -24.77 -5.47 -3.37
C PRO A 161 -24.38 -4.52 -2.24
N LEU A 162 -23.60 -5.03 -1.30
CA LEU A 162 -23.12 -4.21 -0.19
C LEU A 162 -22.29 -3.05 -0.69
N TYR A 163 -21.43 -3.30 -1.68
CA TYR A 163 -20.57 -2.23 -2.19
C TYR A 163 -21.38 -1.17 -2.94
N GLU A 164 -22.41 -1.58 -3.67
CA GLU A 164 -23.28 -0.59 -4.31
C GLU A 164 -23.91 0.33 -3.28
N GLU A 165 -24.52 -0.26 -2.24
CA GLU A 165 -25.13 0.53 -1.17
C GLU A 165 -24.09 1.40 -0.47
N TYR A 166 -22.90 0.83 -0.25
CA TYR A 166 -21.80 1.53 0.40
C TYR A 166 -21.39 2.76 -0.38
N VAL A 167 -21.28 2.64 -1.71
CA VAL A 167 -20.94 3.79 -2.54
C VAL A 167 -21.99 4.87 -2.40
N VAL A 168 -23.28 4.49 -2.43
CA VAL A 168 -24.33 5.50 -2.32
C VAL A 168 -24.22 6.25 -1.00
N LEU A 169 -24.06 5.53 0.10
CA LEU A 169 -23.99 6.19 1.41
C LEU A 169 -22.74 7.04 1.54
N LYS A 170 -21.60 6.55 1.06
CA LYS A 170 -20.37 7.31 1.13
C LYS A 170 -20.47 8.61 0.34
N ASN A 171 -21.12 8.56 -0.83
CA ASN A 171 -21.28 9.77 -1.61
C ASN A 171 -22.23 10.75 -0.95
N GLU A 172 -23.33 10.24 -0.35
CA GLU A 172 -24.18 11.12 0.45
C GLU A 172 -23.36 11.85 1.51
N MET A 173 -22.51 11.11 2.23
CA MET A 173 -21.69 11.72 3.27
C MET A 173 -20.73 12.75 2.69
N ALA A 174 -20.13 12.45 1.53
CA ALA A 174 -19.13 13.36 0.96
C ALA A 174 -19.76 14.66 0.47
N ARG A 175 -20.92 14.57 -0.19
CA ARG A 175 -21.57 15.77 -0.68
C ARG A 175 -22.13 16.61 0.46
N ALA A 176 -22.61 15.95 1.53
CA ALA A 176 -23.07 16.65 2.72
C ALA A 176 -21.94 17.45 3.37
N ASN A 177 -20.69 17.09 3.11
CA ASN A 177 -19.53 17.85 3.59
C ASN A 177 -18.90 18.65 2.46
N HIS A 178 -19.64 18.89 1.39
CA HIS A 178 -19.30 19.87 0.35
C HIS A 178 -18.11 19.42 -0.49
N TYR A 179 -17.91 18.11 -0.60
CA TYR A 179 -17.09 17.48 -1.62
C TYR A 179 -17.98 16.99 -2.76
N GLU A 180 -17.38 16.78 -3.93
CA GLU A 180 -18.16 16.35 -5.09
C GLU A 180 -18.63 14.91 -4.94
N ASP A 181 -17.81 14.06 -4.32
CA ASP A 181 -18.04 12.63 -4.22
C ASP A 181 -17.01 12.05 -3.26
N TYR A 182 -17.22 10.79 -2.88
CA TYR A 182 -16.35 10.18 -1.87
C TYR A 182 -14.89 10.15 -2.31
N GLY A 183 -14.64 10.00 -3.61
CA GLY A 183 -13.28 10.10 -4.11
C GLY A 183 -12.66 11.45 -3.84
N ASP A 184 -13.42 12.53 -4.03
CA ASP A 184 -12.94 13.86 -3.72
C ASP A 184 -12.67 14.01 -2.22
N TYR A 185 -13.56 13.43 -1.40
CA TYR A 185 -13.33 13.36 0.03
C TYR A 185 -11.96 12.76 0.34
N TRP A 186 -11.66 11.60 -0.26
CA TRP A 186 -10.36 10.96 -0.03
C TRP A 186 -9.21 11.81 -0.51
N ARG A 187 -9.34 12.42 -1.70
CA ARG A 187 -8.28 13.28 -2.20
C ARG A 187 -8.05 14.48 -1.29
N GLY A 188 -9.03 14.79 -0.44
CA GLY A 188 -8.85 15.84 0.55
C GLY A 188 -7.66 15.67 1.46
N ASP A 189 -7.15 14.44 1.64
CA ASP A 189 -5.98 14.23 2.49
C ASP A 189 -4.79 15.04 1.99
N TYR A 190 -4.63 15.15 0.68
CA TYR A 190 -3.50 15.85 0.09
C TYR A 190 -3.75 17.36 -0.03
N GLU A 191 -4.87 17.86 0.50
CA GLU A 191 -5.21 19.26 0.37
C GLU A 191 -4.37 20.13 1.29
N VAL A 192 -4.03 21.33 0.80
CA VAL A 192 -3.36 22.36 1.59
C VAL A 192 -4.05 23.69 1.31
N ASN A 193 -4.28 24.46 2.37
CA ASN A 193 -4.89 25.78 2.25
C ASN A 193 -4.20 26.78 3.18
N GLY A 194 -3.99 28.00 2.69
CA GLY A 194 -3.52 29.09 3.51
C GLY A 194 -2.04 29.11 3.79
N VAL A 195 -1.25 28.29 3.11
CA VAL A 195 0.20 28.28 3.32
C VAL A 195 0.91 28.99 2.15
N ASP A 196 0.20 29.87 1.45
CA ASP A 196 0.72 30.65 0.32
C ASP A 196 1.19 29.69 -0.76
N GLY A 197 2.49 29.64 -1.09
CA GLY A 197 2.96 28.87 -2.22
C GLY A 197 2.93 27.37 -2.02
N TYR A 198 2.66 26.91 -0.80
CA TYR A 198 2.62 25.48 -0.51
C TYR A 198 1.22 24.88 -0.62
N ASP A 199 0.26 25.63 -1.17
CA ASP A 199 -1.10 25.12 -1.29
C ASP A 199 -1.18 24.02 -2.35
N TYR A 200 -2.25 23.22 -2.25
CA TYR A 200 -2.44 22.05 -3.10
C TYR A 200 -3.92 21.72 -3.13
N SER A 201 -4.53 21.76 -4.32
CA SER A 201 -5.95 21.55 -4.48
C SER A 201 -6.24 20.09 -4.83
N ARG A 202 -7.46 19.65 -4.52
CA ARG A 202 -7.79 18.22 -4.56
C ARG A 202 -7.73 17.67 -5.98
N GLY A 203 -8.19 18.46 -6.97
CA GLY A 203 -8.08 18.02 -8.35
C GLY A 203 -6.66 18.00 -8.87
N GLN A 204 -5.77 18.77 -8.25
CA GLN A 204 -4.36 18.81 -8.65
C GLN A 204 -3.70 17.45 -8.46
N LEU A 205 -4.18 16.67 -7.48
CA LEU A 205 -3.61 15.36 -7.19
C LEU A 205 -3.77 14.39 -8.36
N ILE A 206 -4.96 14.37 -8.97
CA ILE A 206 -5.20 13.46 -10.10
C ILE A 206 -4.28 13.80 -11.25
N GLU A 207 -4.13 15.11 -11.52
CA GLU A 207 -3.24 15.56 -12.59
C GLU A 207 -1.81 15.12 -12.32
N ASP A 208 -1.34 15.30 -11.10
CA ASP A 208 0.05 14.92 -10.80
C ASP A 208 0.24 13.40 -10.84
N VAL A 209 -0.75 12.65 -10.34
CA VAL A 209 -0.65 11.19 -10.38
C VAL A 209 -0.54 10.71 -11.82
N GLU A 210 -1.38 11.24 -12.71
CA GLU A 210 -1.40 10.76 -14.10
C GLU A 210 -0.16 11.25 -14.86
N HIS A 211 0.23 12.50 -14.63
CA HIS A 211 1.43 13.04 -15.26
C HIS A 211 2.68 12.27 -14.86
N THR A 212 2.79 11.92 -13.58
CA THR A 212 3.93 11.11 -13.13
C THR A 212 3.83 9.69 -13.67
N PHE A 213 2.62 9.14 -13.76
CA PHE A 213 2.44 7.79 -14.28
C PHE A 213 2.94 7.65 -15.71
N GLU A 214 2.72 8.70 -16.51
CA GLU A 214 3.22 8.67 -17.90
C GLU A 214 4.66 8.19 -18.00
N GLU A 215 5.53 8.74 -17.17
CA GLU A 215 6.95 8.43 -17.24
C GLU A 215 7.26 7.06 -16.66
N ILE A 216 6.38 6.53 -15.80
CA ILE A 216 6.47 5.14 -15.37
C ILE A 216 6.12 4.19 -16.50
N LYS A 217 5.23 4.61 -17.40
CA LYS A 217 4.71 3.71 -18.43
C LYS A 217 5.76 3.01 -19.29
N PRO A 218 6.82 3.66 -19.79
CA PRO A 218 7.77 2.91 -20.64
C PRO A 218 8.51 1.80 -19.88
N LEU A 219 9.05 2.13 -18.71
CA LEU A 219 9.68 1.13 -17.86
C LEU A 219 8.73 -0.03 -17.58
N TYR A 220 7.48 0.29 -17.24
CA TYR A 220 6.50 -0.76 -16.97
C TYR A 220 6.24 -1.61 -18.21
N GLU A 221 6.11 -0.98 -19.37
CA GLU A 221 5.93 -1.70 -20.62
C GLU A 221 7.01 -2.76 -20.77
N HIS A 222 8.26 -2.33 -20.56
CA HIS A 222 9.38 -3.23 -20.82
C HIS A 222 9.48 -4.33 -19.75
N LEU A 223 9.28 -3.97 -18.49
CA LEU A 223 9.26 -4.96 -17.41
C LEU A 223 8.15 -5.98 -17.63
N HIS A 224 6.97 -5.49 -18.04
CA HIS A 224 5.82 -6.35 -18.31
C HIS A 224 6.12 -7.30 -19.46
N ALA A 225 6.74 -6.81 -20.53
CA ALA A 225 7.05 -7.67 -21.66
C ALA A 225 8.08 -8.74 -21.29
N TYR A 226 9.12 -8.36 -20.54
CA TYR A 226 10.08 -9.35 -20.06
C TYR A 226 9.41 -10.39 -19.16
N VAL A 227 8.55 -9.94 -18.26
CA VAL A 227 7.81 -10.86 -17.39
C VAL A 227 6.92 -11.77 -18.21
N ARG A 228 6.32 -11.25 -19.28
CA ARG A 228 5.48 -12.04 -20.16
C ARG A 228 6.28 -13.15 -20.83
N ALA A 229 7.45 -12.79 -21.36
CA ALA A 229 8.32 -13.79 -21.97
C ALA A 229 8.73 -14.84 -20.96
N LYS A 230 8.96 -14.44 -19.71
CA LYS A 230 9.38 -15.40 -18.69
C LYS A 230 8.24 -16.28 -18.22
N LEU A 231 7.02 -15.73 -18.16
CA LEU A 231 5.85 -16.50 -17.76
C LEU A 231 5.43 -17.47 -18.85
N MET A 232 5.77 -17.17 -20.11
CA MET A 232 5.61 -18.14 -21.19
C MET A 232 6.52 -19.34 -20.98
N ASN A 233 7.75 -19.10 -20.51
CA ASN A 233 8.67 -20.19 -20.18
C ASN A 233 8.13 -21.13 -19.11
N ALA A 234 7.07 -20.73 -18.38
CA ALA A 234 6.51 -21.54 -17.30
C ALA A 234 5.05 -21.94 -17.49
N TYR A 235 4.28 -21.22 -18.31
CA TYR A 235 2.90 -21.58 -18.63
C TYR A 235 2.80 -21.60 -20.16
N PRO A 236 3.25 -22.69 -20.79
CA PRO A 236 3.57 -22.61 -22.23
C PRO A 236 2.40 -22.28 -23.16
N SER A 237 1.23 -22.89 -22.97
CA SER A 237 0.12 -22.69 -23.89
C SER A 237 -0.85 -21.60 -23.43
N TYR A 238 -0.62 -21.01 -22.27
CA TYR A 238 -1.62 -20.17 -21.63
C TYR A 238 -1.36 -18.67 -21.76
N ILE A 239 -0.22 -18.28 -22.33
CA ILE A 239 0.10 -16.87 -22.50
C ILE A 239 0.47 -16.62 -23.95
N SER A 240 -0.15 -15.62 -24.56
CA SER A 240 0.20 -15.11 -25.88
C SER A 240 1.32 -14.08 -25.77
N PRO A 241 2.29 -14.10 -26.68
CA PRO A 241 3.41 -13.13 -26.60
C PRO A 241 3.02 -11.69 -26.86
N ILE A 242 1.74 -11.38 -27.08
CA ILE A 242 1.31 -10.01 -27.36
C ILE A 242 0.12 -9.60 -26.52
N GLY A 243 -0.08 -10.28 -25.38
CA GLY A 243 -1.28 -10.10 -24.60
C GLY A 243 -0.99 -9.78 -23.15
N CYS A 244 -2.02 -9.28 -22.47
CA CYS A 244 -1.96 -9.06 -21.04
C CYS A 244 -1.73 -10.36 -20.28
N LEU A 245 -0.98 -10.29 -19.20
CA LEU A 245 -0.73 -11.47 -18.36
C LEU A 245 -2.02 -11.89 -17.66
N PRO A 246 -2.36 -13.18 -17.67
CA PRO A 246 -3.55 -13.64 -16.95
C PRO A 246 -3.47 -13.27 -15.48
N ALA A 247 -4.61 -12.81 -14.93
CA ALA A 247 -4.61 -12.23 -13.59
C ALA A 247 -4.20 -13.24 -12.51
N HIS A 248 -4.47 -14.51 -12.74
CA HIS A 248 -4.26 -15.52 -11.70
C HIS A 248 -2.81 -16.00 -11.60
N LEU A 249 -1.93 -15.56 -12.52
CA LEU A 249 -0.56 -16.05 -12.59
C LEU A 249 0.47 -15.00 -12.15
N LEU A 250 0.13 -14.15 -11.17
CA LEU A 250 0.90 -12.93 -10.97
C LEU A 250 1.66 -12.85 -9.65
N GLY A 251 1.43 -13.74 -8.69
CA GLY A 251 2.24 -13.80 -7.48
C GLY A 251 1.45 -13.65 -6.19
N ASP A 252 0.34 -12.92 -6.24
CA ASP A 252 -0.60 -12.90 -5.12
C ASP A 252 -2.00 -13.04 -5.70
N MET A 253 -3.01 -12.80 -4.87
CA MET A 253 -4.38 -13.06 -5.28
C MET A 253 -4.87 -12.08 -6.33
N TRP A 254 -4.20 -10.94 -6.48
CA TRP A 254 -4.64 -9.87 -7.37
C TRP A 254 -3.61 -9.41 -8.38
N GLY A 255 -2.35 -9.78 -8.22
CA GLY A 255 -1.30 -9.11 -8.96
C GLY A 255 -0.99 -7.75 -8.39
N ARG A 256 -1.27 -7.54 -7.10
CA ARG A 256 -0.96 -6.27 -6.45
C ARG A 256 0.55 -6.05 -6.39
N PHE A 257 1.30 -7.13 -6.22
CA PHE A 257 2.76 -7.12 -6.31
C PHE A 257 3.18 -8.30 -7.18
N TRP A 258 4.22 -8.10 -7.98
CA TRP A 258 4.83 -9.17 -8.76
C TRP A 258 6.03 -9.77 -8.03
N THR A 259 6.02 -9.71 -6.70
CA THR A 259 7.19 -10.08 -5.92
C THR A 259 7.50 -11.57 -6.00
N ASN A 260 6.48 -12.42 -5.89
CA ASN A 260 6.70 -13.86 -5.88
C ASN A 260 7.02 -14.42 -7.26
N LEU A 261 6.92 -13.60 -8.31
CA LEU A 261 7.35 -14.02 -9.64
C LEU A 261 8.87 -14.06 -9.79
N TYR A 262 9.62 -13.57 -8.80
CA TYR A 262 11.06 -13.42 -8.97
C TYR A 262 11.73 -14.76 -9.27
N SER A 263 11.32 -15.82 -8.56
CA SER A 263 11.90 -17.14 -8.78
C SER A 263 11.77 -17.59 -10.23
N LEU A 264 10.70 -17.16 -10.91
CA LEU A 264 10.54 -17.46 -12.32
C LEU A 264 11.23 -16.45 -13.22
N THR A 265 11.34 -15.20 -12.79
CA THR A 265 11.84 -14.13 -13.64
C THR A 265 13.30 -13.80 -13.41
N VAL A 266 13.95 -14.42 -12.42
CA VAL A 266 15.35 -14.18 -12.09
C VAL A 266 16.21 -14.12 -13.35
N PRO A 267 16.92 -12.99 -13.59
CA PRO A 267 17.69 -12.84 -14.83
C PRO A 267 18.87 -13.79 -14.87
N PHE A 268 19.68 -13.75 -13.81
CA PHE A 268 20.93 -14.49 -13.71
C PHE A 268 20.83 -15.34 -12.45
N GLY A 269 20.18 -16.49 -12.58
CA GLY A 269 19.93 -17.34 -11.43
C GLY A 269 21.15 -18.07 -10.93
N GLN A 270 22.20 -18.13 -11.74
CA GLN A 270 23.43 -18.80 -11.32
C GLN A 270 24.10 -18.03 -10.19
N LYS A 271 24.08 -16.70 -10.26
CA LYS A 271 24.66 -15.86 -9.22
C LYS A 271 23.87 -16.03 -7.93
N PRO A 272 24.49 -15.74 -6.77
CA PRO A 272 23.84 -16.04 -5.50
C PRO A 272 22.51 -15.33 -5.32
N ASN A 273 21.58 -16.01 -4.64
CA ASN A 273 20.19 -15.57 -4.57
C ASN A 273 20.09 -14.34 -3.68
N ILE A 274 19.81 -13.19 -4.29
CA ILE A 274 19.64 -11.94 -3.55
C ILE A 274 18.39 -11.98 -2.67
N ASP A 275 17.48 -12.89 -2.94
CA ASP A 275 16.37 -13.18 -2.03
C ASP A 275 16.94 -14.05 -0.91
N VAL A 276 17.02 -13.51 0.30
CA VAL A 276 17.77 -14.15 1.37
C VAL A 276 16.87 -15.06 2.20
N THR A 277 15.65 -15.31 1.70
CA THR A 277 14.74 -16.24 2.37
C THR A 277 15.42 -17.58 2.64
N ASP A 278 16.01 -18.15 1.60
CA ASP A 278 16.71 -19.42 1.71
C ASP A 278 17.85 -19.30 2.72
N ALA A 279 18.64 -18.23 2.60
CA ALA A 279 19.70 -17.96 3.57
C ALA A 279 19.12 -17.77 4.97
N MET A 280 17.97 -17.09 5.07
CA MET A 280 17.34 -16.89 6.38
C MET A 280 16.96 -18.19 7.04
N VAL A 281 16.63 -19.22 6.26
CA VAL A 281 16.29 -20.51 6.87
C VAL A 281 17.51 -21.37 7.13
N ASP A 282 18.58 -21.24 6.32
CA ASP A 282 19.80 -21.97 6.66
C ASP A 282 20.52 -21.39 7.87
N GLN A 283 20.19 -20.15 8.25
CA GLN A 283 20.75 -19.54 9.44
C GLN A 283 19.77 -19.54 10.62
N ALA A 284 18.63 -20.23 10.46
CA ALA A 284 17.67 -20.48 11.54
C ALA A 284 17.23 -19.20 12.24
N TRP A 285 17.02 -18.15 11.45
CA TRP A 285 16.49 -16.90 11.98
C TRP A 285 15.05 -17.12 12.44
N ASP A 286 14.74 -16.73 13.67
CA ASP A 286 13.34 -16.65 14.08
C ASP A 286 12.91 -15.20 14.00
N ALA A 287 11.67 -14.92 14.40
CA ALA A 287 11.13 -13.56 14.26
C ALA A 287 11.87 -12.58 15.16
N GLN A 288 12.22 -13.01 16.38
CA GLN A 288 12.94 -12.15 17.30
C GLN A 288 14.23 -11.64 16.68
N ARG A 289 14.94 -12.52 15.97
CA ARG A 289 16.14 -12.12 15.26
C ARG A 289 15.85 -11.04 14.21
N ILE A 290 14.78 -11.23 13.44
CA ILE A 290 14.46 -10.29 12.38
C ILE A 290 14.25 -8.89 12.97
N PHE A 291 13.49 -8.82 14.06
CA PHE A 291 13.21 -7.49 14.62
C PHE A 291 14.42 -6.90 15.34
N LYS A 292 15.23 -7.73 16.00
CA LYS A 292 16.44 -7.20 16.63
C LYS A 292 17.39 -6.62 15.58
N GLU A 293 17.49 -7.31 14.43
CA GLU A 293 18.34 -6.84 13.34
C GLU A 293 17.85 -5.48 12.83
N ALA A 294 16.52 -5.33 12.67
CA ALA A 294 15.97 -4.04 12.26
C ALA A 294 16.30 -2.95 13.28
N GLU A 295 16.11 -3.25 14.57
CA GLU A 295 16.47 -2.30 15.62
C GLU A 295 17.89 -1.82 15.45
N LYS A 296 18.83 -2.76 15.26
CA LYS A 296 20.22 -2.41 15.03
C LYS A 296 20.36 -1.45 13.84
N PHE A 297 19.61 -1.72 12.76
CA PHE A 297 19.68 -0.82 11.62
C PHE A 297 19.28 0.59 12.03
N PHE A 298 18.25 0.73 12.87
CA PHE A 298 17.86 2.10 13.24
C PHE A 298 18.84 2.75 14.19
N VAL A 299 19.40 2.00 15.14
CA VAL A 299 20.38 2.60 16.04
C VAL A 299 21.61 3.07 15.27
N SER A 300 21.97 2.33 14.21
CA SER A 300 23.16 2.67 13.42
C SER A 300 23.11 4.08 12.86
N VAL A 301 21.92 4.61 12.58
CA VAL A 301 21.77 5.94 11.99
C VAL A 301 21.46 6.99 13.06
N GLY A 302 21.69 6.68 14.33
CA GLY A 302 21.50 7.64 15.40
C GLY A 302 20.10 7.72 15.96
N LEU A 303 19.22 6.79 15.60
CA LEU A 303 17.85 6.73 16.12
C LEU A 303 17.81 5.89 17.39
N PRO A 304 16.72 5.97 18.16
CA PRO A 304 16.69 5.28 19.46
C PRO A 304 16.38 3.79 19.34
N ASN A 305 16.61 3.08 20.45
CA ASN A 305 16.19 1.69 20.58
C ASN A 305 14.68 1.61 20.71
N MET A 306 14.15 0.40 20.57
CA MET A 306 12.76 0.16 20.89
C MET A 306 12.57 0.12 22.40
N THR A 307 11.42 0.61 22.85
CA THR A 307 11.14 0.74 24.27
C THR A 307 11.02 -0.64 24.92
N GLN A 308 11.23 -0.68 26.23
CA GLN A 308 10.94 -1.89 26.99
C GLN A 308 9.53 -2.36 26.72
N GLY A 309 8.59 -1.42 26.64
CA GLY A 309 7.22 -1.76 26.33
C GLY A 309 7.07 -2.45 24.99
N PHE A 310 7.90 -2.05 24.01
CA PHE A 310 7.81 -2.66 22.69
C PHE A 310 8.12 -4.15 22.75
N TRP A 311 9.23 -4.51 23.39
CA TRP A 311 9.62 -5.91 23.45
C TRP A 311 8.69 -6.71 24.37
N GLU A 312 8.21 -6.07 25.45
CA GLU A 312 7.25 -6.73 26.33
C GLU A 312 5.97 -7.07 25.57
N ASN A 313 5.37 -6.07 24.91
CA ASN A 313 3.97 -6.10 24.53
C ASN A 313 3.72 -6.53 23.09
N SER A 314 4.70 -6.37 22.20
CA SER A 314 4.47 -6.66 20.78
C SER A 314 4.20 -8.14 20.56
N MET A 315 3.34 -8.43 19.59
CA MET A 315 3.05 -9.79 19.16
C MET A 315 3.77 -9.97 17.82
N LEU A 316 4.94 -10.60 17.85
CA LEU A 316 5.80 -10.69 16.68
C LEU A 316 5.68 -12.03 15.97
N THR A 317 4.79 -12.92 16.42
CA THR A 317 4.53 -14.19 15.76
C THR A 317 3.07 -14.58 15.91
N ASP A 318 2.60 -15.41 14.98
CA ASP A 318 1.24 -15.93 14.99
C ASP A 318 1.03 -16.72 16.27
N PRO A 319 0.03 -16.38 17.10
CA PRO A 319 0.01 -16.85 18.49
C PRO A 319 -0.54 -18.24 18.73
N GLY A 320 -0.67 -19.06 17.70
CA GLY A 320 -0.97 -20.46 17.87
C GLY A 320 -2.34 -20.84 17.33
N ASN A 321 -2.57 -22.15 17.29
CA ASN A 321 -3.83 -22.68 16.78
C ASN A 321 -5.00 -22.39 17.70
N VAL A 322 -4.74 -22.03 18.96
CA VAL A 322 -5.83 -21.76 19.89
C VAL A 322 -6.45 -20.40 19.60
N GLN A 323 -5.66 -19.34 19.74
CA GLN A 323 -6.16 -17.97 19.65
C GLN A 323 -5.80 -17.39 18.29
N LYS A 324 -6.81 -16.91 17.56
CA LYS A 324 -6.62 -16.35 16.24
C LYS A 324 -6.34 -14.85 16.31
N ALA A 325 -5.53 -14.37 15.38
CA ALA A 325 -5.12 -12.98 15.34
C ALA A 325 -5.34 -12.42 13.94
N VAL A 326 -5.32 -11.10 13.85
CA VAL A 326 -5.39 -10.39 12.57
C VAL A 326 -3.95 -10.22 12.10
N CYS A 327 -3.53 -11.06 11.16
CA CYS A 327 -2.14 -11.10 10.72
C CYS A 327 -1.85 -10.08 9.62
N HIS A 328 -2.18 -8.82 9.88
CA HIS A 328 -1.85 -7.73 8.98
C HIS A 328 -0.78 -6.87 9.62
N PRO A 329 0.42 -6.76 9.02
CA PRO A 329 1.51 -5.99 9.66
C PRO A 329 1.11 -4.56 9.96
N THR A 330 1.10 -4.20 11.24
CA THR A 330 0.67 -2.89 11.69
C THR A 330 1.54 -2.42 12.84
N ALA A 331 1.76 -1.11 12.90
CA ALA A 331 2.50 -0.49 13.99
C ALA A 331 1.54 0.34 14.84
N TRP A 332 1.64 0.18 16.15
CA TRP A 332 0.67 0.74 17.10
C TRP A 332 1.30 1.85 17.91
N ASP A 333 0.71 3.04 17.83
CA ASP A 333 1.01 4.19 18.66
C ASP A 333 -0.22 4.47 19.52
N LEU A 334 -0.15 4.13 20.81
CA LEU A 334 -1.32 4.27 21.66
C LEU A 334 -1.26 5.49 22.57
N GLY A 335 -0.16 6.22 22.58
CA GLY A 335 0.07 7.25 23.57
C GLY A 335 0.63 6.69 24.85
N LYS A 336 1.04 7.60 25.73
CA LYS A 336 1.63 7.25 27.03
C LYS A 336 2.87 6.38 26.85
N GLY A 337 3.71 6.75 25.88
CA GLY A 337 4.92 6.01 25.61
C GLY A 337 4.72 4.59 25.14
N ASP A 338 3.52 4.24 24.68
CA ASP A 338 3.19 2.87 24.34
C ASP A 338 3.27 2.70 22.82
N PHE A 339 4.23 1.89 22.38
CA PHE A 339 4.47 1.59 20.98
C PHE A 339 4.59 0.07 20.83
N ARG A 340 3.89 -0.48 19.84
CA ARG A 340 3.87 -1.92 19.62
C ARG A 340 3.94 -2.20 18.12
N ILE A 341 4.22 -3.45 17.77
CA ILE A 341 4.07 -3.92 16.39
C ILE A 341 3.34 -5.24 16.41
N LEU A 342 2.29 -5.34 15.60
CA LEU A 342 1.58 -6.59 15.36
C LEU A 342 1.95 -7.09 13.98
N MET A 343 2.71 -8.20 13.94
CA MET A 343 3.01 -8.87 12.69
C MET A 343 3.19 -10.35 12.96
N CYS A 344 2.49 -11.17 12.18
CA CYS A 344 2.67 -12.63 12.23
C CYS A 344 3.88 -12.96 11.37
N THR A 345 5.06 -12.77 11.97
CA THR A 345 6.30 -12.78 11.21
C THR A 345 6.63 -14.20 10.73
N LYS A 346 6.77 -14.34 9.41
CA LYS A 346 7.28 -15.55 8.79
C LYS A 346 8.75 -15.37 8.47
N VAL A 347 9.48 -16.47 8.36
CA VAL A 347 10.93 -16.40 8.09
C VAL A 347 11.07 -16.34 6.58
N THR A 348 10.89 -15.14 6.03
CA THR A 348 11.06 -14.86 4.61
C THR A 348 11.58 -13.44 4.46
N MET A 349 12.26 -13.17 3.35
CA MET A 349 12.75 -11.83 3.07
C MET A 349 11.61 -10.82 3.04
N ASP A 350 10.41 -11.26 2.65
CA ASP A 350 9.26 -10.38 2.66
C ASP A 350 9.01 -9.82 4.06
N ASP A 351 9.03 -10.70 5.06
CA ASP A 351 8.80 -10.23 6.43
C ASP A 351 10.01 -9.57 7.04
N PHE A 352 11.22 -9.86 6.56
CA PHE A 352 12.40 -9.07 6.93
C PHE A 352 12.22 -7.61 6.53
N LEU A 353 11.89 -7.39 5.26
CA LEU A 353 11.70 -6.05 4.75
C LEU A 353 10.50 -5.39 5.41
N THR A 354 9.42 -6.14 5.62
CA THR A 354 8.27 -5.59 6.32
C THR A 354 8.65 -5.15 7.72
N ALA A 355 9.35 -6.01 8.48
CA ALA A 355 9.81 -5.66 9.82
C ALA A 355 10.52 -4.32 9.81
N HIS A 356 11.42 -4.11 8.85
CA HIS A 356 12.06 -2.80 8.75
C HIS A 356 11.03 -1.69 8.49
N HIS A 357 10.07 -1.95 7.60
CA HIS A 357 9.04 -0.95 7.23
C HIS A 357 8.22 -0.52 8.46
N GLU A 358 7.69 -1.49 9.16
CA GLU A 358 6.80 -1.27 10.29
C GLU A 358 7.58 -0.68 11.50
N MET A 359 8.85 -1.07 11.70
CA MET A 359 9.67 -0.37 12.68
C MET A 359 9.96 1.09 12.28
N GLY A 360 10.06 1.37 10.98
CA GLY A 360 10.15 2.76 10.54
C GLY A 360 8.92 3.56 10.92
N HIS A 361 7.73 2.95 10.79
CA HIS A 361 6.53 3.58 11.34
C HIS A 361 6.71 3.90 12.83
N ILE A 362 7.24 2.94 13.61
CA ILE A 362 7.41 3.19 15.04
C ILE A 362 8.41 4.33 15.29
N GLN A 363 9.43 4.45 14.44
CA GLN A 363 10.36 5.58 14.56
C GLN A 363 9.64 6.91 14.31
N TYR A 364 8.81 6.98 13.27
CA TYR A 364 8.06 8.21 13.01
C TYR A 364 7.17 8.57 14.19
N ASP A 365 6.50 7.57 14.77
CA ASP A 365 5.61 7.80 15.89
C ASP A 365 6.38 8.28 17.12
N MET A 366 7.46 7.61 17.46
CA MET A 366 8.27 7.98 18.62
C MET A 366 8.83 9.38 18.43
N ALA A 367 9.22 9.72 17.20
CA ALA A 367 9.75 11.05 16.94
C ALA A 367 8.71 12.13 17.21
N TYR A 368 7.50 11.99 16.65
CA TYR A 368 6.51 13.06 16.83
C TYR A 368 5.62 12.89 18.06
N ALA A 369 5.98 11.99 18.98
CA ALA A 369 5.18 11.83 20.20
C ALA A 369 5.01 13.12 21.00
N ALA A 370 5.95 14.07 20.87
CA ALA A 370 5.89 15.30 21.65
C ALA A 370 4.90 16.32 21.09
N GLN A 371 4.38 16.10 19.89
CA GLN A 371 3.44 17.03 19.28
C GLN A 371 2.07 16.93 19.97
N PRO A 372 1.23 17.96 19.81
CA PRO A 372 -0.14 17.85 20.32
C PRO A 372 -0.92 16.75 19.60
N PHE A 373 -1.99 16.30 20.27
CA PHE A 373 -2.66 15.04 19.94
C PHE A 373 -2.95 14.90 18.45
N LEU A 374 -3.73 15.82 17.89
CA LEU A 374 -4.17 15.67 16.50
C LEU A 374 -3.02 15.81 15.51
N LEU A 375 -1.92 16.42 15.92
CA LEU A 375 -0.76 16.58 15.06
C LEU A 375 0.25 15.45 15.20
N ARG A 376 -0.05 14.45 16.04
CA ARG A 376 0.76 13.23 16.12
C ARG A 376 0.40 12.30 14.95
N ASN A 377 0.68 12.80 13.75
CA ASN A 377 0.32 12.10 12.52
C ASN A 377 1.30 12.47 11.42
N GLY A 378 1.32 11.64 10.37
CA GLY A 378 2.11 11.96 9.21
C GLY A 378 1.54 13.12 8.44
N ALA A 379 2.39 13.72 7.60
CA ALA A 379 1.99 14.90 6.84
C ALA A 379 0.91 14.59 5.81
N ASN A 380 0.75 13.32 5.43
CA ASN A 380 -0.35 12.85 4.60
C ASN A 380 -0.36 11.33 4.66
N GLU A 381 -1.33 10.72 3.98
CA GLU A 381 -1.47 9.26 4.04
C GLU A 381 -0.26 8.54 3.46
N GLY A 382 0.47 9.17 2.53
CA GLY A 382 1.61 8.53 1.92
C GLY A 382 2.91 8.65 2.70
N PHE A 383 2.98 9.57 3.67
CA PHE A 383 4.26 9.84 4.32
C PHE A 383 4.73 8.67 5.19
N HIS A 384 3.81 8.08 5.97
CA HIS A 384 4.19 6.94 6.80
C HIS A 384 4.66 5.76 5.95
N GLU A 385 3.94 5.47 4.88
CA GLU A 385 4.31 4.37 3.98
C GLU A 385 5.65 4.65 3.28
N ALA A 386 5.92 5.91 2.91
CA ALA A 386 7.23 6.24 2.34
C ALA A 386 8.35 6.05 3.36
N VAL A 387 8.12 6.49 4.60
CA VAL A 387 9.10 6.30 5.65
C VAL A 387 9.43 4.83 5.80
N GLY A 388 8.40 3.98 5.84
CA GLY A 388 8.65 2.55 5.89
C GLY A 388 9.45 2.03 4.71
N GLU A 389 9.11 2.52 3.51
CA GLU A 389 9.69 1.95 2.29
C GLU A 389 11.18 2.24 2.15
N ILE A 390 11.62 3.44 2.53
CA ILE A 390 13.04 3.76 2.40
C ILE A 390 13.93 2.84 3.24
N MET A 391 13.47 2.47 4.44
CA MET A 391 14.18 1.51 5.26
C MET A 391 14.42 0.20 4.51
N SER A 392 13.37 -0.33 3.86
CA SER A 392 13.54 -1.55 3.08
C SER A 392 14.45 -1.30 1.88
N LEU A 393 14.42 -0.09 1.32
CA LEU A 393 15.37 0.24 0.26
C LEU A 393 16.80 0.05 0.72
N SER A 394 17.13 0.47 1.94
CA SER A 394 18.48 0.18 2.41
C SER A 394 18.64 -1.29 2.79
N ALA A 395 17.65 -1.87 3.47
CA ALA A 395 17.81 -3.23 3.98
C ALA A 395 17.96 -4.25 2.85
N ALA A 396 17.38 -3.97 1.69
CA ALA A 396 17.35 -4.94 0.61
C ALA A 396 18.62 -4.96 -0.24
N THR A 397 19.49 -3.97 -0.09
CA THR A 397 20.69 -3.92 -0.93
C THR A 397 21.58 -5.11 -0.63
N PRO A 398 22.22 -5.70 -1.65
CA PRO A 398 23.18 -6.80 -1.38
C PRO A 398 24.30 -6.41 -0.46
N LYS A 399 24.78 -5.17 -0.56
CA LYS A 399 25.73 -4.61 0.39
C LYS A 399 25.30 -4.88 1.83
N HIS A 400 24.07 -4.48 2.14
CA HIS A 400 23.55 -4.60 3.49
C HIS A 400 23.33 -6.05 3.88
N LEU A 401 22.71 -6.83 3.00
CA LEU A 401 22.47 -8.24 3.28
C LEU A 401 23.78 -8.98 3.52
N LYS A 402 24.85 -8.55 2.87
CA LYS A 402 26.19 -9.05 3.15
C LYS A 402 26.66 -8.63 4.53
N SER A 403 26.51 -7.34 4.87
CA SER A 403 27.05 -6.89 6.15
C SER A 403 26.36 -7.56 7.33
N ILE A 404 25.16 -8.13 7.14
CA ILE A 404 24.46 -8.83 8.22
C ILE A 404 24.53 -10.35 8.07
N GLY A 405 25.44 -10.85 7.23
CA GLY A 405 25.68 -12.29 7.16
C GLY A 405 24.59 -13.10 6.50
N LEU A 406 23.75 -12.47 5.68
CA LEU A 406 22.81 -13.21 4.86
C LEU A 406 23.39 -13.55 3.50
N LEU A 407 24.36 -12.78 3.04
CA LEU A 407 25.18 -13.09 1.87
C LEU A 407 26.60 -13.32 2.36
N SER A 408 27.29 -14.28 1.74
CA SER A 408 28.56 -14.75 2.26
C SER A 408 29.62 -13.65 2.24
N PRO A 409 30.66 -13.76 3.08
CA PRO A 409 31.73 -12.75 3.05
C PRO A 409 32.42 -12.64 1.70
N ASP A 410 32.53 -13.75 0.97
CA ASP A 410 33.09 -13.73 -0.38
C ASP A 410 32.02 -13.48 -1.43
N PHE A 411 31.21 -12.45 -1.22
CA PHE A 411 30.14 -12.09 -2.15
C PHE A 411 30.60 -10.84 -2.91
N GLN A 412 30.77 -10.98 -4.22
CA GLN A 412 31.22 -9.89 -5.06
C GLN A 412 30.05 -9.26 -5.79
N GLU A 413 29.96 -7.93 -5.72
CA GLU A 413 29.07 -7.20 -6.59
C GLU A 413 29.51 -7.40 -8.04
N ASP A 414 28.56 -7.40 -8.96
CA ASP A 414 28.87 -7.47 -10.38
C ASP A 414 27.68 -6.94 -11.16
N ASN A 415 27.82 -6.93 -12.49
CA ASN A 415 26.74 -6.47 -13.35
C ASN A 415 25.48 -7.32 -13.12
N GLU A 416 25.67 -8.64 -12.99
CA GLU A 416 24.54 -9.55 -12.96
C GLU A 416 23.77 -9.51 -11.64
N THR A 417 24.48 -9.43 -10.52
CA THR A 417 23.76 -9.29 -9.25
C THR A 417 23.03 -7.96 -9.19
N GLU A 418 23.62 -6.92 -9.77
CA GLU A 418 22.95 -5.62 -9.85
C GLU A 418 21.66 -5.73 -10.63
N ILE A 419 21.69 -6.43 -11.77
CA ILE A 419 20.48 -6.59 -12.58
C ILE A 419 19.45 -7.47 -11.85
N ASN A 420 19.91 -8.54 -11.20
CA ASN A 420 19.05 -9.38 -10.37
C ASN A 420 18.29 -8.52 -9.35
N PHE A 421 19.04 -7.74 -8.58
CA PHE A 421 18.48 -6.91 -7.53
C PHE A 421 17.47 -5.91 -8.07
N LEU A 422 17.84 -5.20 -9.15
CA LEU A 422 16.93 -4.21 -9.69
C LEU A 422 15.65 -4.85 -10.21
N LEU A 423 15.76 -6.02 -10.84
CA LEU A 423 14.57 -6.72 -11.31
C LEU A 423 13.64 -7.06 -10.16
N LYS A 424 14.20 -7.61 -9.07
CA LYS A 424 13.38 -7.97 -7.91
C LYS A 424 12.69 -6.75 -7.33
N GLN A 425 13.45 -5.69 -7.07
CA GLN A 425 12.85 -4.47 -6.56
C GLN A 425 11.72 -4.01 -7.47
N ALA A 426 11.99 -3.93 -8.78
CA ALA A 426 10.97 -3.47 -9.73
C ALA A 426 9.74 -4.36 -9.69
N LEU A 427 9.92 -5.66 -9.53
CA LEU A 427 8.78 -6.56 -9.33
C LEU A 427 7.94 -6.08 -8.15
N THR A 428 8.59 -5.71 -7.04
CA THR A 428 7.78 -5.24 -5.93
C THR A 428 7.24 -3.84 -6.14
N ILE A 429 8.04 -2.93 -6.69
CA ILE A 429 7.84 -1.49 -6.57
C ILE A 429 7.20 -0.91 -7.82
N VAL A 430 7.72 -1.25 -8.99
CA VAL A 430 7.13 -0.78 -10.23
C VAL A 430 5.88 -1.57 -10.59
N GLY A 431 5.85 -2.87 -10.28
CA GLY A 431 4.71 -3.69 -10.66
C GLY A 431 3.41 -3.26 -9.98
N THR A 432 3.51 -2.65 -8.81
CA THR A 432 2.33 -2.25 -8.04
C THR A 432 1.80 -0.87 -8.42
N LEU A 433 2.59 -0.05 -9.14
CA LEU A 433 2.11 1.30 -9.46
C LEU A 433 0.98 1.29 -10.48
N PRO A 434 1.07 0.59 -11.62
CA PRO A 434 -0.11 0.49 -12.48
C PRO A 434 -1.31 -0.14 -11.78
N PHE A 435 -1.06 -1.17 -10.97
CA PHE A 435 -2.14 -1.80 -10.22
C PHE A 435 -2.88 -0.78 -9.36
N THR A 436 -2.10 0.01 -8.61
CA THR A 436 -2.67 0.97 -7.67
C THR A 436 -3.37 2.11 -8.38
N TYR A 437 -2.73 2.66 -9.41
CA TYR A 437 -3.36 3.75 -10.17
C TYR A 437 -4.66 3.29 -10.81
N MET A 438 -4.66 2.09 -11.42
CA MET A 438 -5.85 1.56 -12.06
C MET A 438 -6.97 1.36 -11.05
N LEU A 439 -6.67 0.74 -9.90
CA LEU A 439 -7.69 0.51 -8.89
C LEU A 439 -8.28 1.84 -8.40
N GLU A 440 -7.42 2.79 -8.03
CA GLU A 440 -7.91 4.04 -7.47
C GLU A 440 -8.66 4.85 -8.52
N LYS A 441 -8.21 4.82 -9.78
CA LYS A 441 -8.94 5.54 -10.81
C LYS A 441 -10.32 4.92 -11.05
N TRP A 442 -10.40 3.59 -11.03
CA TRP A 442 -11.71 2.93 -11.09
C TRP A 442 -12.62 3.42 -9.97
N ARG A 443 -12.11 3.42 -8.74
CA ARG A 443 -12.92 3.87 -7.60
C ARG A 443 -13.36 5.32 -7.77
N TRP A 444 -12.41 6.18 -8.13
CA TRP A 444 -12.68 7.61 -8.30
C TRP A 444 -13.77 7.80 -9.34
N MET A 445 -13.71 7.03 -10.43
CA MET A 445 -14.70 7.11 -11.49
C MET A 445 -16.06 6.61 -11.02
N VAL A 446 -16.07 5.55 -10.21
CA VAL A 446 -17.33 5.03 -9.66
C VAL A 446 -17.99 6.09 -8.78
N PHE A 447 -17.21 6.70 -7.89
CA PHE A 447 -17.77 7.65 -6.94
C PHE A 447 -18.27 8.91 -7.63
N LYS A 448 -17.59 9.34 -8.69
CA LYS A 448 -18.03 10.51 -9.46
C LYS A 448 -19.21 10.18 -10.37
N GLY A 449 -19.58 8.91 -10.49
CA GLY A 449 -20.70 8.54 -11.34
C GLY A 449 -20.38 8.44 -12.82
N GLU A 450 -19.10 8.37 -13.17
CA GLU A 450 -18.71 8.15 -14.55
C GLU A 450 -18.94 6.71 -14.99
N ILE A 451 -19.01 5.77 -14.04
CA ILE A 451 -19.22 4.36 -14.35
C ILE A 451 -20.55 3.90 -13.76
N PRO A 452 -21.59 3.68 -14.59
CA PRO A 452 -22.85 3.13 -14.09
C PRO A 452 -22.66 1.71 -13.58
N LYS A 453 -23.69 1.20 -12.90
CA LYS A 453 -23.60 -0.14 -12.31
C LYS A 453 -23.67 -1.25 -13.36
N ASP A 454 -24.38 -1.03 -14.48
CA ASP A 454 -24.40 -2.05 -15.52
C ASP A 454 -23.03 -2.27 -16.13
N GLN A 455 -22.08 -1.36 -15.90
CA GLN A 455 -20.73 -1.46 -16.45
C GLN A 455 -19.67 -1.36 -15.36
N TRP A 456 -19.96 -1.84 -14.14
CA TRP A 456 -18.92 -1.86 -13.12
C TRP A 456 -17.79 -2.81 -13.50
N MET A 457 -18.13 -4.09 -13.71
CA MET A 457 -17.10 -5.09 -13.99
C MET A 457 -16.57 -4.98 -15.42
N LYS A 458 -17.46 -4.66 -16.37
CA LYS A 458 -17.00 -4.43 -17.73
C LYS A 458 -15.87 -3.42 -17.74
N LYS A 459 -16.08 -2.28 -17.09
CA LYS A 459 -15.08 -1.22 -17.10
C LYS A 459 -13.89 -1.54 -16.20
N TRP A 460 -14.12 -2.25 -15.09
CA TRP A 460 -13.01 -2.70 -14.26
C TRP A 460 -12.01 -3.48 -15.08
N TRP A 461 -12.49 -4.43 -15.90
CA TRP A 461 -11.57 -5.25 -16.66
C TRP A 461 -11.07 -4.57 -17.92
N GLU A 462 -11.87 -3.68 -18.53
CA GLU A 462 -11.32 -2.78 -19.55
C GLU A 462 -10.09 -2.06 -19.00
N MET A 463 -10.18 -1.55 -17.78
CA MET A 463 -9.10 -0.75 -17.22
C MET A 463 -7.93 -1.62 -16.78
N LYS A 464 -8.18 -2.81 -16.24
CA LYS A 464 -7.10 -3.76 -16.00
C LYS A 464 -6.34 -4.02 -17.31
N ARG A 465 -7.07 -4.39 -18.36
CA ARG A 465 -6.47 -4.69 -19.67
C ARG A 465 -5.65 -3.51 -20.17
N GLU A 466 -6.20 -2.30 -20.05
CA GLU A 466 -5.58 -1.13 -20.67
C GLU A 466 -4.42 -0.58 -19.84
N ILE A 467 -4.66 -0.28 -18.56
CA ILE A 467 -3.64 0.36 -17.74
C ILE A 467 -2.60 -0.63 -17.26
N VAL A 468 -3.02 -1.84 -16.86
CA VAL A 468 -2.13 -2.75 -16.15
C VAL A 468 -1.51 -3.74 -17.12
N GLY A 469 -2.20 -4.03 -18.22
CA GLY A 469 -1.78 -5.15 -19.03
C GLY A 469 -2.00 -6.47 -18.33
N VAL A 470 -3.13 -6.62 -17.64
CA VAL A 470 -3.55 -7.86 -17.00
C VAL A 470 -4.98 -8.17 -17.43
N VAL A 471 -5.24 -9.41 -17.81
CA VAL A 471 -6.52 -9.81 -18.39
C VAL A 471 -7.12 -10.93 -17.56
N GLU A 472 -8.44 -10.84 -17.32
CA GLU A 472 -9.12 -11.87 -16.55
C GLU A 472 -9.15 -13.18 -17.33
N PRO A 473 -8.95 -14.32 -16.66
CA PRO A 473 -9.03 -15.62 -17.33
C PRO A 473 -10.46 -16.13 -17.51
N VAL A 474 -11.43 -15.44 -16.93
CA VAL A 474 -12.82 -15.88 -16.89
C VAL A 474 -13.70 -14.64 -17.03
N PRO A 475 -14.66 -14.62 -17.96
CA PRO A 475 -15.52 -13.43 -18.08
C PRO A 475 -16.36 -13.21 -16.84
N HIS A 476 -16.56 -11.95 -16.49
CA HIS A 476 -17.19 -11.57 -15.23
C HIS A 476 -18.35 -10.62 -15.47
N ASP A 477 -19.57 -11.10 -15.23
CA ASP A 477 -20.76 -10.27 -15.32
C ASP A 477 -20.92 -9.46 -14.04
N GLU A 478 -21.95 -8.62 -14.01
CA GLU A 478 -22.09 -7.65 -12.92
C GLU A 478 -22.47 -8.28 -11.58
N THR A 479 -22.70 -9.60 -11.53
CA THR A 479 -22.84 -10.24 -10.22
C THR A 479 -21.53 -10.28 -9.46
N TYR A 480 -20.41 -10.10 -10.15
CA TYR A 480 -19.10 -10.00 -9.53
C TYR A 480 -18.87 -8.62 -8.93
N CYS A 481 -18.12 -8.59 -7.81
CA CYS A 481 -17.45 -7.38 -7.36
C CYS A 481 -15.99 -7.75 -7.16
N ASP A 482 -15.24 -7.75 -8.26
CA ASP A 482 -13.83 -8.08 -8.20
C ASP A 482 -13.02 -7.08 -7.36
N PRO A 483 -13.21 -5.76 -7.48
CA PRO A 483 -12.41 -4.83 -6.66
C PRO A 483 -12.51 -5.09 -5.17
N ALA A 484 -13.69 -5.47 -4.68
CA ALA A 484 -13.89 -5.71 -3.26
C ALA A 484 -13.28 -7.04 -2.80
N SER A 485 -12.75 -7.84 -3.72
CA SER A 485 -11.99 -9.02 -3.33
C SER A 485 -10.66 -8.67 -2.67
N LEU A 486 -10.26 -7.41 -2.72
CA LEU A 486 -9.09 -6.90 -2.02
C LEU A 486 -9.51 -6.23 -0.72
N PHE A 487 -8.69 -6.39 0.33
CA PHE A 487 -9.05 -5.88 1.66
C PHE A 487 -9.25 -4.38 1.63
N HIS A 488 -8.33 -3.64 1.00
CA HIS A 488 -8.37 -2.19 1.04
C HIS A 488 -9.66 -1.63 0.44
N VAL A 489 -10.33 -2.39 -0.42
CA VAL A 489 -11.56 -1.90 -1.02
C VAL A 489 -12.75 -2.16 -0.12
N SER A 490 -12.90 -3.39 0.38
CA SER A 490 -14.05 -3.75 1.20
C SER A 490 -13.93 -3.30 2.65
N ASN A 491 -12.76 -2.84 3.08
CA ASN A 491 -12.59 -2.32 4.43
C ASN A 491 -12.40 -0.81 4.44
N ASP A 492 -12.64 -0.15 3.30
CA ASP A 492 -12.77 1.31 3.21
C ASP A 492 -11.46 2.03 3.53
N TYR A 493 -10.40 1.62 2.85
CA TYR A 493 -9.12 2.33 2.89
C TYR A 493 -8.88 3.02 1.56
N SER A 494 -8.40 4.26 1.62
CA SER A 494 -7.87 4.88 0.41
C SER A 494 -6.70 4.03 -0.09
N PHE A 495 -6.44 4.10 -1.39
CA PHE A 495 -5.41 3.26 -1.97
C PHE A 495 -4.37 4.03 -2.76
N ILE A 496 -4.62 5.28 -3.13
CA ILE A 496 -3.63 6.05 -3.88
C ILE A 496 -2.39 6.33 -3.05
N ARG A 497 -2.49 6.18 -1.71
CA ARG A 497 -1.35 6.43 -0.84
C ARG A 497 -0.15 5.58 -1.21
N TYR A 498 -0.39 4.40 -1.78
CA TYR A 498 0.73 3.54 -2.16
C TYR A 498 1.43 4.04 -3.41
N TYR A 499 0.70 4.67 -4.33
CA TYR A 499 1.37 5.31 -5.45
C TYR A 499 2.18 6.51 -4.97
N THR A 500 1.55 7.44 -4.25
CA THR A 500 2.26 8.63 -3.79
C THR A 500 3.46 8.24 -2.94
N ARG A 501 3.26 7.35 -1.97
CA ARG A 501 4.37 6.81 -1.19
C ARG A 501 5.52 6.40 -2.10
N THR A 502 5.21 5.62 -3.14
CA THR A 502 6.25 5.03 -3.96
C THR A 502 7.11 6.09 -4.61
N LEU A 503 6.55 7.23 -4.96
CA LEU A 503 7.40 8.28 -5.50
C LEU A 503 8.18 8.94 -4.38
N TYR A 504 7.50 9.29 -3.28
CA TYR A 504 8.14 9.98 -2.16
C TYR A 504 9.41 9.26 -1.74
N GLN A 505 9.31 7.95 -1.54
CA GLN A 505 10.42 7.19 -0.97
C GLN A 505 11.70 7.44 -1.73
N PHE A 506 11.65 7.42 -3.06
CA PHE A 506 12.89 7.58 -3.80
C PHE A 506 13.40 9.01 -3.68
N GLN A 507 12.48 9.97 -3.77
CA GLN A 507 12.79 11.35 -3.42
C GLN A 507 13.48 11.44 -2.07
N PHE A 508 12.97 10.71 -1.08
CA PHE A 508 13.61 10.68 0.23
C PHE A 508 14.98 10.04 0.13
N GLN A 509 15.06 8.87 -0.49
CA GLN A 509 16.31 8.10 -0.51
C GLN A 509 17.43 8.90 -1.16
N GLU A 510 17.10 9.61 -2.24
CA GLU A 510 18.05 10.54 -2.84
C GLU A 510 18.61 11.49 -1.77
N ALA A 511 17.72 12.27 -1.16
CA ALA A 511 18.16 13.33 -0.26
C ALA A 511 18.97 12.78 0.90
N LEU A 512 18.56 11.64 1.45
CA LEU A 512 19.28 11.07 2.58
C LEU A 512 20.67 10.60 2.16
N CYS A 513 20.80 10.01 0.96
CA CYS A 513 22.11 9.49 0.56
C CYS A 513 23.11 10.62 0.31
N GLN A 514 22.63 11.74 -0.26
CA GLN A 514 23.44 12.96 -0.26
C GLN A 514 23.92 13.28 1.16
N ALA A 515 22.98 13.27 2.12
CA ALA A 515 23.33 13.49 3.51
C ALA A 515 24.28 12.43 4.04
N ALA A 516 24.29 11.24 3.43
CA ALA A 516 25.21 10.18 3.83
C ALA A 516 26.51 10.21 3.04
N LYS A 517 26.66 11.12 2.08
CA LYS A 517 27.84 11.24 1.22
C LYS A 517 27.98 10.03 0.29
N HIS A 518 26.85 9.44 -0.12
CA HIS A 518 26.88 8.33 -1.07
C HIS A 518 27.35 8.74 -2.45
N GLU A 519 28.52 8.23 -2.85
CA GLU A 519 28.96 8.25 -4.23
C GLU A 519 28.66 6.89 -4.84
N GLY A 520 27.96 6.90 -5.97
CA GLY A 520 27.47 5.69 -6.59
C GLY A 520 26.00 5.82 -6.94
N PRO A 521 25.49 4.90 -7.75
CA PRO A 521 24.08 4.96 -8.13
C PRO A 521 23.17 4.84 -6.91
N LEU A 522 22.00 5.48 -7.00
CA LEU A 522 21.08 5.54 -5.87
C LEU A 522 20.69 4.15 -5.36
N HIS A 523 20.75 3.13 -6.21
CA HIS A 523 20.33 1.79 -5.85
C HIS A 523 21.41 0.96 -5.17
N LYS A 524 22.62 1.50 -5.02
CA LYS A 524 23.63 0.89 -4.18
C LYS A 524 23.74 1.60 -2.83
N CYS A 525 22.86 2.56 -2.57
CA CYS A 525 22.86 3.29 -1.31
C CYS A 525 22.26 2.46 -0.18
N ASP A 526 22.97 2.40 0.94
CA ASP A 526 22.44 1.90 2.20
C ASP A 526 22.79 2.97 3.23
N ILE A 527 21.77 3.53 3.88
CA ILE A 527 22.01 4.65 4.80
C ILE A 527 22.55 4.20 6.15
N SER A 528 22.81 2.90 6.33
CA SER A 528 23.27 2.39 7.62
C SER A 528 24.54 3.11 8.05
N ASN A 529 24.71 3.23 9.36
CA ASN A 529 25.93 3.73 9.98
C ASN A 529 26.17 5.21 9.63
N SER A 530 25.12 5.93 9.23
CA SER A 530 25.19 7.36 8.92
C SER A 530 24.22 8.10 9.83
N THR A 531 24.76 8.63 10.93
CA THR A 531 23.95 9.51 11.79
C THR A 531 23.59 10.80 11.07
N GLU A 532 24.39 11.20 10.08
CA GLU A 532 24.11 12.44 9.36
C GLU A 532 22.79 12.33 8.61
N ALA A 533 22.57 11.20 7.92
CA ALA A 533 21.30 10.98 7.23
C ALA A 533 20.17 10.74 8.22
N GLY A 534 20.43 9.99 9.29
CA GLY A 534 19.41 9.77 10.30
C GLY A 534 18.94 11.07 10.94
N GLN A 535 19.87 11.98 11.20
CA GLN A 535 19.54 13.32 11.66
C GLN A 535 18.66 14.05 10.66
N LYS A 536 19.08 14.06 9.39
CA LYS A 536 18.28 14.74 8.37
C LYS A 536 16.87 14.20 8.32
N LEU A 537 16.72 12.88 8.51
CA LEU A 537 15.39 12.26 8.56
C LEU A 537 14.61 12.66 9.80
N PHE A 538 15.26 12.56 10.97
CA PHE A 538 14.59 12.83 12.24
C PHE A 538 14.00 14.24 12.25
N ASN A 539 14.73 15.20 11.67
CA ASN A 539 14.22 16.56 11.58
C ASN A 539 12.83 16.60 10.95
N MET A 540 12.62 15.81 9.91
CA MET A 540 11.29 15.76 9.29
C MET A 540 10.31 14.93 10.10
N LEU A 541 10.78 13.85 10.74
CA LEU A 541 9.87 12.96 11.45
C LEU A 541 9.24 13.64 12.65
N ARG A 542 10.06 14.26 13.50
CA ARG A 542 9.52 14.89 14.71
C ARG A 542 8.51 15.98 14.41
N LEU A 543 8.53 16.53 13.18
CA LEU A 543 7.55 17.52 12.77
C LEU A 543 6.13 16.97 12.88
N GLY A 544 5.94 15.71 12.51
CA GLY A 544 4.60 15.15 12.45
C GLY A 544 3.76 15.86 11.40
N LYS A 545 2.51 16.16 11.76
CA LYS A 545 1.62 16.93 10.89
C LYS A 545 1.58 18.41 11.30
N SER A 546 2.64 18.88 11.95
CA SER A 546 2.68 20.27 12.40
C SER A 546 2.70 21.25 11.24
N GLU A 547 3.17 20.83 10.07
CA GLU A 547 3.19 21.67 8.89
C GLU A 547 2.86 20.82 7.67
N PRO A 548 2.37 21.44 6.59
CA PRO A 548 1.79 20.66 5.50
C PRO A 548 2.83 19.85 4.73
N TRP A 549 2.32 18.83 4.04
CA TRP A 549 3.18 17.84 3.38
C TRP A 549 4.01 18.46 2.25
N THR A 550 3.53 19.51 1.60
CA THR A 550 4.36 20.19 0.61
C THR A 550 5.65 20.69 1.25
N LEU A 551 5.51 21.42 2.36
CA LEU A 551 6.68 21.92 3.10
C LEU A 551 7.44 20.79 3.77
N ALA A 552 6.74 19.81 4.34
CA ALA A 552 7.42 18.69 4.99
C ALA A 552 8.33 17.96 4.01
N LEU A 553 7.85 17.76 2.78
CA LEU A 553 8.66 17.20 1.71
C LEU A 553 9.82 18.13 1.34
N GLU A 554 9.50 19.40 1.05
CA GLU A 554 10.50 20.35 0.58
C GLU A 554 11.65 20.52 1.56
N ASN A 555 11.36 20.42 2.85
CA ASN A 555 12.39 20.59 3.87
C ASN A 555 13.49 19.56 3.71
N VAL A 556 13.13 18.36 3.28
CA VAL A 556 14.09 17.26 3.16
C VAL A 556 14.66 17.16 1.76
N VAL A 557 13.82 17.30 0.74
CA VAL A 557 14.21 16.97 -0.63
C VAL A 557 14.35 18.19 -1.53
N GLY A 558 13.72 19.32 -1.18
CA GLY A 558 13.84 20.51 -1.98
C GLY A 558 12.73 20.78 -2.96
N ALA A 559 11.63 20.03 -2.90
CA ALA A 559 10.53 20.17 -3.83
C ALA A 559 9.20 20.18 -3.08
N LYS A 560 8.23 20.91 -3.63
CA LYS A 560 6.90 21.03 -3.05
C LYS A 560 5.92 20.01 -3.60
N ASN A 561 6.36 19.03 -4.38
CA ASN A 561 5.43 18.13 -5.01
C ASN A 561 6.08 16.80 -5.31
N MET A 562 5.23 15.84 -5.69
CA MET A 562 5.66 14.51 -6.06
C MET A 562 6.57 14.56 -7.28
N ASN A 563 7.67 13.82 -7.22
CA ASN A 563 8.65 13.78 -8.32
C ASN A 563 8.92 12.34 -8.71
N VAL A 564 8.88 12.07 -10.02
CA VAL A 564 9.20 10.73 -10.53
C VAL A 564 10.66 10.60 -10.97
N ARG A 565 11.42 11.70 -10.92
CA ARG A 565 12.81 11.69 -11.39
C ARG A 565 13.66 10.65 -10.64
N PRO A 566 13.72 10.67 -9.29
CA PRO A 566 14.56 9.69 -8.58
C PRO A 566 14.19 8.26 -8.89
N LEU A 567 12.88 7.99 -9.05
CA LEU A 567 12.41 6.63 -9.29
C LEU A 567 13.00 6.08 -10.58
N LEU A 568 12.96 6.88 -11.64
CA LEU A 568 13.58 6.44 -12.89
C LEU A 568 15.08 6.27 -12.73
N ASN A 569 15.74 7.17 -11.99
CA ASN A 569 17.19 6.98 -11.83
C ASN A 569 17.51 5.68 -11.09
N TYR A 570 16.69 5.31 -10.10
CA TYR A 570 16.94 4.07 -9.36
C TYR A 570 16.98 2.87 -10.30
N PHE A 571 16.09 2.83 -11.28
CA PHE A 571 15.88 1.67 -12.13
C PHE A 571 16.53 1.78 -13.51
N GLU A 572 17.34 2.83 -13.73
CA GLU A 572 17.92 3.06 -15.06
C GLU A 572 18.74 1.90 -15.60
N PRO A 573 19.65 1.27 -14.85
CA PRO A 573 20.36 0.11 -15.41
C PRO A 573 19.42 -0.98 -15.86
N LEU A 574 18.35 -1.21 -15.09
CA LEU A 574 17.38 -2.23 -15.44
C LEU A 574 16.58 -1.82 -16.67
N PHE A 575 16.28 -0.52 -16.81
CA PHE A 575 15.60 -0.05 -18.01
C PHE A 575 16.43 -0.36 -19.25
N THR A 576 17.72 -0.03 -19.21
CA THR A 576 18.61 -0.33 -20.33
C THR A 576 18.64 -1.83 -20.64
N TRP A 577 18.87 -2.64 -19.60
CA TRP A 577 19.01 -4.07 -19.79
C TRP A 577 17.73 -4.69 -20.33
N LEU A 578 16.58 -4.22 -19.84
CA LEU A 578 15.28 -4.75 -20.27
C LEU A 578 15.01 -4.38 -21.72
N LYS A 579 15.31 -3.14 -22.10
CA LYS A 579 15.15 -2.73 -23.49
C LYS A 579 15.97 -3.63 -24.42
N ASP A 580 17.23 -3.86 -24.05
CA ASP A 580 18.06 -4.78 -24.81
C ASP A 580 17.44 -6.19 -24.85
N GLN A 581 16.91 -6.65 -23.71
CA GLN A 581 16.32 -7.98 -23.67
C GLN A 581 15.15 -8.11 -24.63
N ASN A 582 14.29 -7.10 -24.67
CA ASN A 582 13.09 -7.14 -25.50
C ASN A 582 13.35 -6.82 -26.96
N LYS A 583 14.60 -6.47 -27.34
CA LYS A 583 14.88 -6.03 -28.71
C LYS A 583 14.21 -6.85 -29.81
N ASN A 584 14.14 -8.18 -29.68
CA ASN A 584 13.46 -8.98 -30.71
C ASN A 584 12.06 -9.44 -30.32
N SER A 585 11.58 -9.07 -29.14
CA SER A 585 10.25 -9.47 -28.71
C SER A 585 9.23 -8.41 -29.13
N PHE A 586 7.99 -8.56 -28.67
CA PHE A 586 6.99 -7.51 -28.74
C PHE A 586 6.96 -6.73 -27.43
N VAL A 587 6.49 -5.50 -27.50
CA VAL A 587 6.41 -4.61 -26.33
C VAL A 587 5.03 -3.95 -26.31
N GLY A 588 4.44 -3.90 -25.12
CA GLY A 588 3.05 -3.53 -24.98
C GLY A 588 2.16 -4.76 -24.94
N TRP A 589 0.87 -4.55 -25.12
CA TRP A 589 -0.07 -5.67 -25.06
C TRP A 589 -1.33 -5.33 -25.84
N SER A 590 -1.99 -6.37 -26.33
CA SER A 590 -3.33 -6.23 -26.88
C SER A 590 -4.34 -6.31 -25.74
N THR A 591 -5.31 -5.38 -25.76
CA THR A 591 -6.38 -5.43 -24.77
C THR A 591 -7.38 -6.52 -25.05
N ASP A 592 -7.35 -7.11 -26.25
CA ASP A 592 -8.40 -7.99 -26.74
C ASP A 592 -8.12 -9.46 -26.50
N TRP A 593 -6.86 -9.89 -26.59
CA TRP A 593 -6.54 -11.28 -26.31
C TRP A 593 -6.89 -11.61 -24.86
N SER A 594 -7.55 -12.75 -24.66
CA SER A 594 -7.95 -13.21 -23.35
C SER A 594 -7.73 -14.71 -23.28
N PRO A 595 -7.47 -15.26 -22.08
CA PRO A 595 -7.28 -16.71 -21.97
C PRO A 595 -8.46 -17.50 -22.51
N TYR A 596 -9.68 -17.06 -22.21
CA TYR A 596 -10.90 -17.74 -22.63
C TYR A 596 -11.30 -17.45 -24.07
N ALA A 597 -10.81 -16.35 -24.66
CA ALA A 597 -11.23 -16.03 -26.03
C ALA A 597 -10.06 -15.55 -26.88
N GLY A 598 -8.88 -16.11 -26.70
CA GLY A 598 -7.75 -15.75 -27.53
C GLY A 598 -7.11 -16.95 -28.24
N SER A 599 -7.42 -18.14 -27.73
CA SER A 599 -6.84 -19.36 -28.28
C SER A 599 -7.38 -19.64 -29.68
N HIS A 600 -6.51 -20.16 -30.54
CA HIS A 600 -6.94 -20.62 -31.86
C HIS A 600 -6.00 -21.75 -32.27
N HIS A 601 -6.53 -22.96 -32.35
CA HIS A 601 -5.75 -24.09 -32.87
C HIS A 601 -5.50 -23.86 -34.35
N HIS A 602 -4.25 -23.59 -34.71
CA HIS A 602 -3.90 -23.18 -36.07
C HIS A 602 -3.86 -24.38 -37.03
N HIS A 603 -5.05 -24.90 -37.32
CA HIS A 603 -5.18 -26.01 -38.25
C HIS A 603 -4.78 -25.63 -39.67
N HIS A 604 -5.37 -24.56 -40.20
CA HIS A 604 -5.07 -24.10 -41.56
C HIS A 604 -4.93 -22.57 -41.57
N HIS A 605 -3.88 -22.09 -42.22
CA HIS A 605 -3.67 -20.66 -42.43
C HIS A 605 -4.02 -20.26 -43.86
N HIS A 606 -4.01 -18.95 -44.09
CA HIS A 606 -4.42 -18.38 -45.37
C HIS A 606 -3.25 -17.88 -46.21
N HIS A 607 -2.21 -17.35 -45.60
CA HIS A 607 -1.06 -16.81 -46.31
C HIS A 607 0.17 -17.70 -46.12
N HIS A 608 1.16 -17.47 -46.99
CA HIS A 608 2.32 -18.36 -47.06
C HIS A 608 3.04 -18.45 -45.72
N HIS A 609 3.36 -17.30 -45.14
CA HIS A 609 4.03 -17.25 -43.85
C HIS A 609 3.13 -16.58 -42.82
N SER A 610 1.82 -16.68 -43.04
CA SER A 610 0.79 -15.95 -42.26
C SER A 610 1.09 -14.47 -42.47
N GLY A 611 0.81 -13.60 -41.50
CA GLY A 611 1.16 -12.20 -41.62
C GLY A 611 2.55 -11.83 -41.13
N LEU A 612 3.35 -12.81 -40.69
CA LEU A 612 4.61 -12.57 -40.00
C LEU A 612 5.51 -11.61 -40.76
N ASN A 613 5.54 -11.75 -42.09
CA ASN A 613 6.25 -10.79 -42.93
C ASN A 613 5.68 -9.37 -42.74
N ASP A 614 4.37 -9.23 -42.89
CA ASP A 614 3.72 -7.95 -42.64
C ASP A 614 3.98 -7.47 -41.22
N ILE A 615 3.88 -8.38 -40.25
CA ILE A 615 4.08 -7.98 -38.85
C ILE A 615 5.49 -7.42 -38.66
N PHE A 616 6.48 -8.06 -39.26
CA PHE A 616 7.84 -7.53 -39.16
C PHE A 616 7.91 -6.13 -39.72
N GLU A 617 7.36 -5.92 -40.92
CA GLU A 617 7.38 -4.59 -41.53
C GLU A 617 6.66 -3.57 -40.66
N ALA A 618 5.48 -3.93 -40.18
CA ALA A 618 4.63 -3.00 -39.45
C ALA A 618 5.24 -2.63 -38.11
N GLN A 619 5.92 -3.57 -37.46
CA GLN A 619 6.61 -3.25 -36.22
C GLN A 619 7.82 -2.36 -36.48
N LYS A 620 8.54 -2.59 -37.58
CA LYS A 620 9.61 -1.67 -37.96
C LYS A 620 9.10 -0.24 -38.08
N ILE A 621 8.02 -0.06 -38.85
CA ILE A 621 7.45 1.28 -39.03
C ILE A 621 6.89 1.80 -37.70
N GLU A 622 6.35 0.88 -36.89
CA GLU A 622 5.62 1.24 -35.68
C GLU A 622 6.51 1.92 -34.66
N TRP A 623 7.71 1.39 -34.44
CA TRP A 623 8.62 1.91 -33.45
C TRP A 623 9.69 2.82 -34.08
N HIS A 624 9.47 3.24 -35.32
CA HIS A 624 10.44 4.06 -36.03
C HIS A 624 10.65 5.40 -35.34
N GLU A 625 11.88 5.88 -35.39
CA GLU A 625 12.27 7.14 -34.76
C GLU A 625 12.13 8.29 -35.74
C ACE B 1 -9.18 -1.60 14.47
O ACE B 1 -8.24 -2.13 15.03
CH3 ACE B 1 -10.42 -2.38 14.24
N TYR B 2 -9.11 -0.33 14.02
CA TYR B 2 -7.92 0.51 14.19
C TYR B 2 -8.33 1.94 14.53
N PHE B 3 -8.16 2.29 15.80
CA PHE B 3 -8.46 3.63 16.29
C PHE B 3 -7.30 4.55 15.96
N GLN B 4 -7.64 5.75 15.51
CA GLN B 4 -6.64 6.71 15.04
C GLN B 4 -6.85 8.07 15.70
N ARG B 5 -5.79 8.87 15.67
CA ARG B 5 -5.87 10.28 16.08
C ARG B 5 -6.30 11.15 14.90
N SER B 6 -7.49 10.85 14.38
CA SER B 6 -8.04 11.59 13.25
C SER B 6 -9.52 11.86 13.49
N VAL B 7 -9.96 13.06 13.14
CA VAL B 7 -11.37 13.43 13.31
C VAL B 7 -12.20 12.89 12.14
N ARG B 8 -11.71 13.08 10.92
CA ARG B 8 -12.43 12.58 9.75
C ARG B 8 -12.59 11.07 9.79
N LEU B 9 -11.55 10.35 10.20
CA LEU B 9 -11.53 8.89 10.19
C LEU B 9 -11.12 8.38 11.56
N PRO B 10 -12.02 8.46 12.56
CA PRO B 10 -11.65 7.99 13.89
C PRO B 10 -11.41 6.49 13.97
N TYR B 11 -12.17 5.71 13.22
CA TYR B 11 -12.17 4.25 13.34
C TYR B 11 -12.02 3.64 11.94
N LEU B 12 -11.13 2.67 11.82
CA LEU B 12 -10.88 1.95 10.58
C LEU B 12 -11.06 0.46 10.84
N ARG B 13 -11.63 -0.24 9.87
CA ARG B 13 -11.92 -1.66 10.03
C ARG B 13 -10.62 -2.45 10.05
N CYS B 14 -10.39 -3.16 11.15
CA CYS B 14 -9.41 -4.22 11.23
C CYS B 14 -9.59 -5.19 10.05
N NH2 B 15 -8.26 -5.58 9.71
C1 NAG C . 28.17 -0.67 10.58
C2 NAG C . 28.40 -1.84 9.58
C3 NAG C . 28.58 -3.15 10.34
C4 NAG C . 29.67 -3.02 11.39
C5 NAG C . 29.36 -1.84 12.31
C6 NAG C . 30.44 -1.59 13.33
C7 NAG C . 27.23 -1.20 7.51
C8 NAG C . 26.04 -1.46 6.63
N2 NAG C . 27.31 -1.94 8.63
O3 NAG C . 28.91 -4.18 9.41
O4 NAG C . 29.80 -4.22 12.16
O5 NAG C . 29.23 -0.65 11.53
O6 NAG C . 31.70 -1.36 12.71
O7 NAG C . 28.07 -0.36 7.23
C1 NAG C . 31.13 -4.78 11.99
C2 NAG C . 31.34 -5.96 12.95
C3 NAG C . 32.71 -6.58 12.75
C4 NAG C . 32.90 -6.97 11.28
C5 NAG C . 32.66 -5.75 10.39
C6 NAG C . 32.75 -6.07 8.92
C7 NAG C . 29.95 -5.51 14.93
C8 NAG C . 29.96 -5.11 16.37
N2 NAG C . 31.15 -5.57 14.33
O3 NAG C . 32.83 -7.72 13.59
O4 NAG C . 34.23 -7.44 11.07
O5 NAG C . 31.34 -5.22 10.63
O6 NAG C . 32.83 -4.87 8.16
O7 NAG C . 28.92 -5.75 14.32
C1 NAG D . -20.02 21.09 9.11
C2 NAG D . -20.82 21.62 10.33
C3 NAG D . -20.86 23.16 10.35
C4 NAG D . -19.46 23.76 10.17
C5 NAG D . -18.79 23.16 8.94
C6 NAG D . -17.36 23.62 8.79
C7 NAG D . -23.20 21.17 9.61
C8 NAG D . -23.02 22.00 8.36
N2 NAG D . -22.16 21.04 10.44
O3 NAG D . -21.42 23.62 11.58
O4 NAG D . -19.59 25.16 10.00
O5 NAG D . -18.74 21.74 9.05
O6 NAG D . -16.57 22.59 8.21
O7 NAG D . -24.28 20.64 9.85
C1 NAG E . 0.82 28.75 21.37
C2 NAG E . 2.04 29.56 21.83
C3 NAG E . 3.03 28.69 22.60
C4 NAG E . 2.33 27.93 23.73
C5 NAG E . 1.15 27.15 23.15
C6 NAG E . 0.35 26.41 24.21
C7 NAG E . 2.75 31.51 20.50
C8 NAG E . 3.46 31.97 19.26
N2 NAG E . 2.69 30.19 20.69
O3 NAG E . 4.04 29.51 23.16
O4 NAG E . 3.22 27.04 24.37
O5 NAG E . 0.24 28.05 22.50
O6 NAG E . -0.77 25.76 23.63
O7 NAG E . 2.25 32.30 21.29
C1 NAG F . 20.54 0.80 22.38
C2 NAG F . 21.36 1.96 22.99
C3 NAG F . 22.83 1.59 23.11
C4 NAG F . 23.00 0.25 23.81
C5 NAG F . 22.17 -0.82 23.12
C6 NAG F . 22.22 -2.15 23.82
C7 NAG F . 20.49 4.23 22.61
C8 NAG F . 20.43 5.39 21.68
N2 NAG F . 21.20 3.18 22.20
O3 NAG F . 23.51 2.59 23.86
O4 NAG F . 24.38 -0.14 23.85
O5 NAG F . 20.80 -0.40 23.09
O6 NAG F . 21.46 -3.12 23.11
O7 NAG F . 19.91 4.24 23.71
ZN ZN G . 3.30 -0.03 6.70
CL CL H . -9.32 -8.63 -9.68
#